data_5I24
#
_entry.id   5I24
#
_cell.length_a   197.300
_cell.length_b   197.300
_cell.length_c   102.900
_cell.angle_alpha   90.00
_cell.angle_beta   90.00
_cell.angle_gamma   120.00
#
_symmetry.space_group_name_H-M   'P 6 2 2'
#
loop_
_entity.id
_entity.type
_entity.pdbx_description
1 polymer 'Oligosaccharide 4-alpha-D-glucosyltransferase'
2 non-polymer 'SULFATE ION'
3 non-polymer 'TETRAETHYLENE GLYCOL'
4 non-polymer (1R,2S,3S,4R,5S,6R)-5-amino-6-(hydroxymethyl)cyclohexane-1,2,3,4-tetrol
5 non-polymer 1,2-ETHANEDIOL
6 non-polymer 2-AMINO-2-HYDROXYMETHYL-PROPANE-1,3-DIOL
7 water water
#
_entity_poly.entity_id   1
_entity_poly.type   'polypeptide(L)'
_entity_poly.pdbx_seq_one_letter_code
;MNPVKREIHPDAVFYKEHKLRNDGLVITTNQGNIRLQFKSEAAIEVLYRADSKQLPSFALAQPESAIKAQLTETENHLQF
SGGTLTARIQKRPFAISYYRDSELLLAEESGFQVNTDKINFRFYLSPGEKILGGGQRILGMDRRGQRFPLYNRAHYGYSD
HSGQMYFGLPAIMSSKQYILVFDNSASGAMDIGKTESDILQLEAKSGRSAYILVAGNSYPSLIENFTQVTGRQPLPPRWA
LGSFASRFGYRSEAETRATVQKYKTEDFPLDTIVLDLYWFGKDIKGHMGNLDWDKENFPTPLDMMADFKQQGVKTVLITE
PFVLTSSKRWDDAVKAKALAKDPQGQPKAFELYFGNGGIIDVFSKEGSRWFSSIYKDLSKQGVAGWWGDLGEPEMHPEDT
QHAIGDADTVHNAYGHRWAEMLYQQQLDQFPELRPFIMMRAGFVGSQRYGMIPWTGDVSRTWGGLASQVELALQMSLLGF
GYIHSDLGGFADGETLDKEMYIRWLQYGVFQPVYRPHGQDHIPSEPVFQDEETKAILRPLVKLRYRMLPYIYTAAYQNTL
TGMPLMRPLFFSDEKNPALIDNKTSYFWGDSLLVTPITQAGVESVSIPAPKGVWFDFWKDTRYQTDGAPLTLPTDLHTIP
VLVKAGAFMPYVPAVSTTEDYRSDSLEIHYYADASVPLAQGEIFEDDGKDPNSIKRNQFDLLTLQATHTDNQLHFQLART
GKGYRGMPERRATTLVIHNASDQYQHLDINGKTIAIAQADCASTPALACYDQERRQLQLVFTWGREALNLRLHKGGRADP
AFLYKVVINSKLEGKPIPNPLLGLDSTRTGHHHHHH
;
_entity_poly.pdbx_strand_id   A
#
# COMPACT_ATOMS: atom_id res chain seq x y z
N ALA A 12 5.47 -27.61 32.64
CA ALA A 12 4.77 -26.78 33.68
C ALA A 12 5.45 -25.42 33.88
N VAL A 13 4.65 -24.37 33.81
CA VAL A 13 5.13 -22.99 33.95
C VAL A 13 4.24 -22.28 34.95
N PHE A 14 4.88 -21.61 35.91
CA PHE A 14 4.14 -20.84 36.91
C PHE A 14 4.87 -19.57 37.29
N TYR A 15 4.07 -18.59 37.71
CA TYR A 15 4.53 -17.32 38.21
C TYR A 15 5.36 -17.51 39.49
N LYS A 16 6.48 -16.80 39.58
CA LYS A 16 7.24 -16.70 40.84
C LYS A 16 7.26 -15.31 41.44
N GLU A 17 7.57 -14.29 40.63
CA GLU A 17 7.62 -12.90 41.12
C GLU A 17 7.60 -11.89 39.98
N HIS A 18 7.41 -10.62 40.34
CA HIS A 18 7.47 -9.54 39.36
C HIS A 18 8.10 -8.26 39.90
N LYS A 19 8.55 -7.43 38.96
CA LYS A 19 9.10 -6.12 39.25
C LYS A 19 8.59 -5.14 38.18
N LEU A 20 8.34 -3.90 38.58
CA LEU A 20 8.12 -2.77 37.66
C LEU A 20 9.45 -2.01 37.46
N ARG A 21 9.83 -1.79 36.21
CA ARG A 21 11.10 -1.16 35.87
C ARG A 21 10.91 -0.27 34.65
N ASN A 22 11.00 1.05 34.84
CA ASN A 22 10.87 2.02 33.71
C ASN A 22 9.63 1.75 32.86
N ASP A 23 8.49 1.73 33.55
CA ASP A 23 7.17 1.50 33.02
C ASP A 23 6.94 0.11 32.40
N GLY A 24 7.90 -0.80 32.50
CA GLY A 24 7.74 -2.17 31.99
C GLY A 24 7.59 -3.15 33.15
N LEU A 25 6.75 -4.16 32.94
CA LEU A 25 6.57 -5.26 33.90
C LEU A 25 7.51 -6.40 33.55
N VAL A 26 8.29 -6.82 34.52
CA VAL A 26 9.22 -7.92 34.33
C VAL A 26 8.77 -9.03 35.26
N ILE A 27 8.25 -10.12 34.69
CA ILE A 27 7.75 -11.28 35.43
C ILE A 27 8.79 -12.40 35.41
N THR A 28 9.06 -13.02 36.55
CA THR A 28 9.92 -14.20 36.64
C THR A 28 9.00 -15.41 36.84
N THR A 29 9.10 -16.38 35.94
CA THR A 29 8.44 -17.69 36.10
C THR A 29 9.52 -18.69 36.51
N ASN A 30 9.14 -19.95 36.68
CA ASN A 30 10.15 -21.01 36.88
C ASN A 30 11.07 -21.19 35.65
N GLN A 31 10.62 -20.76 34.48
CA GLN A 31 11.42 -20.85 33.24
C GLN A 31 12.27 -19.63 32.84
N GLY A 32 12.01 -18.46 33.41
CA GLY A 32 12.85 -17.27 33.16
C GLY A 32 12.01 -16.00 33.16
N ASN A 33 12.55 -14.95 32.56
CA ASN A 33 11.93 -13.62 32.61
C ASN A 33 11.09 -13.32 31.37
N ILE A 34 9.99 -12.61 31.59
CA ILE A 34 9.11 -12.09 30.55
C ILE A 34 8.99 -10.56 30.71
N ARG A 35 9.22 -9.76 29.67
CA ARG A 35 9.16 -8.27 29.78
C ARG A 35 7.95 -7.78 29.02
N LEU A 36 7.05 -7.07 29.70
CA LEU A 36 5.86 -6.51 29.05
C LEU A 36 5.98 -4.98 29.06
N GLN A 37 5.84 -4.37 27.87
CA GLN A 37 5.90 -2.91 27.69
C GLN A 37 4.78 -2.47 26.76
N PHE A 38 3.99 -1.51 27.21
CA PHE A 38 3.01 -0.87 26.34
C PHE A 38 3.75 0.09 25.42
N LYS A 39 3.58 -0.09 24.12
CA LYS A 39 4.14 0.81 23.11
C LYS A 39 3.19 1.95 22.76
N SER A 40 1.97 1.85 23.26
CA SER A 40 0.94 2.87 23.16
C SER A 40 -0.17 2.41 24.10
N GLU A 41 -1.28 3.16 24.19
CA GLU A 41 -2.39 2.74 25.02
C GLU A 41 -3.12 1.49 24.51
N ALA A 42 -2.92 1.15 23.22
CA ALA A 42 -3.61 0.07 22.57
C ALA A 42 -2.69 -1.06 22.10
N ALA A 43 -1.41 -1.03 22.46
CA ALA A 43 -0.43 -2.01 21.92
C ALA A 43 0.57 -2.44 22.96
N ILE A 44 0.81 -3.74 23.06
CA ILE A 44 1.76 -4.28 24.06
C ILE A 44 2.79 -5.20 23.40
N GLU A 45 4.05 -5.05 23.81
CA GLU A 45 5.15 -5.95 23.42
C GLU A 45 5.40 -6.91 24.57
N VAL A 46 5.44 -8.19 24.23
CA VAL A 46 5.65 -9.28 25.17
C VAL A 46 6.93 -10.04 24.74
N LEU A 47 8.00 -9.88 25.51
CA LEU A 47 9.31 -10.42 25.22
C LEU A 47 9.60 -11.56 26.20
N TYR A 48 9.64 -12.80 25.71
CA TYR A 48 10.02 -13.97 26.52
C TYR A 48 11.53 -14.10 26.42
N ARG A 49 12.12 -14.92 27.29
CA ARG A 49 13.57 -15.00 27.47
C ARG A 49 14.20 -13.60 27.60
N ALA A 50 13.54 -12.75 28.38
CA ALA A 50 13.91 -11.34 28.43
C ALA A 50 15.27 -11.11 29.03
N ASP A 51 15.71 -12.02 29.89
CA ASP A 51 17.06 -12.04 30.44
C ASP A 51 18.19 -12.31 29.40
N SER A 52 17.87 -12.99 28.29
CA SER A 52 18.90 -13.42 27.30
C SER A 52 19.16 -12.34 26.24
N LYS A 53 20.31 -12.42 25.57
CA LYS A 53 20.60 -11.57 24.41
C LYS A 53 19.99 -12.14 23.16
N GLN A 54 19.26 -11.31 22.45
CA GLN A 54 18.64 -11.75 21.22
C GLN A 54 18.45 -10.57 20.29
N LEU A 55 18.07 -10.86 19.06
CA LEU A 55 17.91 -9.83 18.04
C LEU A 55 16.87 -8.82 18.51
N PRO A 56 17.06 -7.56 18.13
CA PRO A 56 16.04 -6.55 18.50
C PRO A 56 14.77 -6.66 17.68
N SER A 57 13.79 -5.89 18.10
CA SER A 57 12.58 -5.72 17.33
C SER A 57 12.89 -5.14 15.94
N PHE A 58 12.22 -5.70 14.93
CA PHE A 58 12.16 -5.11 13.61
C PHE A 58 10.80 -4.46 13.38
N ALA A 59 9.75 -4.98 14.00
CA ALA A 59 8.39 -4.51 13.74
C ALA A 59 8.09 -3.12 14.33
N LEU A 60 8.76 -2.76 15.42
CA LEU A 60 8.45 -1.54 16.14
C LEU A 60 9.20 -0.33 15.61
N ALA A 61 8.47 0.77 15.40
CA ALA A 61 9.07 2.01 14.97
C ALA A 61 9.88 2.68 16.09
N GLN A 62 9.39 2.56 17.32
CA GLN A 62 10.10 3.08 18.52
C GLN A 62 10.30 1.90 19.50
N PRO A 63 11.28 1.05 19.19
CA PRO A 63 11.40 -0.19 19.99
C PRO A 63 11.67 0.04 21.51
N GLU A 64 12.24 1.19 21.88
CA GLU A 64 12.57 1.51 23.28
C GLU A 64 11.40 2.10 24.11
N SER A 65 10.30 2.52 23.48
CA SER A 65 9.28 3.21 24.26
C SER A 65 8.53 2.25 25.18
N ALA A 66 8.08 2.79 26.30
CA ALA A 66 7.28 2.10 27.29
C ALA A 66 6.44 3.20 27.94
N ILE A 67 5.20 3.33 27.50
CA ILE A 67 4.29 4.31 28.12
C ILE A 67 3.79 3.79 29.47
N LYS A 68 3.44 4.73 30.34
CA LYS A 68 2.98 4.44 31.69
C LYS A 68 1.68 3.63 31.70
N ALA A 69 1.72 2.47 32.36
CA ALA A 69 0.53 1.62 32.52
C ALA A 69 0.24 1.44 34.00
N GLN A 70 -0.90 0.82 34.32
CA GLN A 70 -1.20 0.51 35.73
C GLN A 70 -1.16 -0.99 35.98
N LEU A 71 -0.65 -1.34 37.16
CA LEU A 71 -0.48 -2.72 37.58
C LEU A 71 -1.35 -2.97 38.81
N THR A 72 -2.16 -4.03 38.75
CA THR A 72 -3.01 -4.46 39.88
C THR A 72 -2.75 -5.96 40.11
N GLU A 73 -2.82 -6.41 41.35
CA GLU A 73 -2.50 -7.80 41.73
C GLU A 73 -3.61 -8.42 42.59
N THR A 74 -3.92 -9.69 42.32
CA THR A 74 -4.82 -10.50 43.15
C THR A 74 -4.11 -11.82 43.48
N GLU A 75 -4.81 -12.69 44.21
CA GLU A 75 -4.28 -13.97 44.63
C GLU A 75 -3.76 -14.74 43.42
N ASN A 76 -4.59 -14.83 42.37
CA ASN A 76 -4.33 -15.67 41.21
C ASN A 76 -3.88 -14.91 39.92
N HIS A 77 -3.95 -13.58 39.94
CA HIS A 77 -3.71 -12.79 38.72
C HIS A 77 -2.91 -11.51 38.94
N LEU A 78 -2.21 -11.09 37.89
CA LEU A 78 -1.77 -9.70 37.71
C LEU A 78 -2.55 -9.10 36.55
N GLN A 79 -2.78 -7.79 36.59
CA GLN A 79 -3.40 -7.06 35.50
C GLN A 79 -2.51 -5.88 35.15
N PHE A 80 -2.10 -5.80 33.89
CA PHE A 80 -1.23 -4.72 33.41
C PHE A 80 -1.99 -4.01 32.30
N SER A 81 -2.26 -2.74 32.50
CA SER A 81 -3.30 -2.09 31.75
C SER A 81 -2.90 -0.70 31.23
N GLY A 82 -2.98 -0.50 29.92
CA GLY A 82 -2.86 0.83 29.32
C GLY A 82 -4.26 1.42 29.18
N GLY A 83 -4.40 2.53 28.51
CA GLY A 83 -5.74 3.06 28.16
C GLY A 83 -6.77 2.01 27.75
N THR A 84 -6.64 1.40 26.57
CA THR A 84 -7.70 0.52 26.06
C THR A 84 -7.35 -0.99 26.24
N LEU A 85 -6.07 -1.34 26.17
CA LEU A 85 -5.65 -2.72 26.22
C LEU A 85 -5.18 -3.14 27.61
N THR A 86 -5.63 -4.33 28.03
CA THR A 86 -5.23 -4.94 29.31
C THR A 86 -4.69 -6.34 29.09
N ALA A 87 -3.57 -6.62 29.74
CA ALA A 87 -3.03 -7.98 29.81
C ALA A 87 -3.43 -8.58 31.15
N ARG A 88 -4.05 -9.75 31.13
CA ARG A 88 -4.46 -10.45 32.36
C ARG A 88 -3.55 -11.65 32.46
N ILE A 89 -2.75 -11.68 33.54
CA ILE A 89 -1.70 -12.69 33.71
C ILE A 89 -2.15 -13.66 34.80
N GLN A 90 -2.55 -14.87 34.41
CA GLN A 90 -2.92 -15.94 35.35
C GLN A 90 -1.61 -16.53 35.90
N LYS A 91 -1.53 -16.69 37.21
CA LYS A 91 -0.29 -17.13 37.85
C LYS A 91 -0.03 -18.62 37.70
N ARG A 92 -1.05 -19.43 37.99
CA ARG A 92 -0.91 -20.88 37.98
C ARG A 92 -2.06 -21.61 37.30
N PRO A 93 -1.83 -22.35 36.21
CA PRO A 93 -0.62 -22.30 35.39
C PRO A 93 -0.43 -20.94 34.75
N PHE A 94 0.80 -20.64 34.35
CA PHE A 94 1.10 -19.32 33.80
C PHE A 94 0.47 -19.16 32.41
N ALA A 95 -0.31 -18.10 32.24
CA ALA A 95 -0.88 -17.81 30.91
C ALA A 95 -1.33 -16.39 30.88
N ILE A 96 -1.08 -15.72 29.75
CA ILE A 96 -1.45 -14.32 29.58
C ILE A 96 -2.56 -14.26 28.58
N SER A 97 -3.54 -13.41 28.88
CA SER A 97 -4.58 -13.14 27.91
C SER A 97 -4.81 -11.62 27.85
N TYR A 98 -5.48 -11.18 26.77
CA TYR A 98 -5.51 -9.78 26.40
C TYR A 98 -6.95 -9.36 26.23
N TYR A 99 -7.30 -8.23 26.83
CA TYR A 99 -8.67 -7.70 26.88
C TYR A 99 -8.71 -6.27 26.37
N ARG A 100 -9.72 -5.93 25.59
CA ARG A 100 -9.99 -4.53 25.24
C ARG A 100 -11.36 -4.29 25.79
N ASP A 101 -11.47 -3.32 26.70
CA ASP A 101 -12.56 -3.23 27.69
C ASP A 101 -12.49 -4.49 28.56
N SER A 102 -13.60 -5.22 28.59
CA SER A 102 -13.71 -6.47 29.27
C SER A 102 -13.98 -7.55 28.23
N GLU A 103 -13.64 -7.29 26.96
CA GLU A 103 -13.79 -8.30 25.93
C GLU A 103 -12.48 -9.01 25.75
N LEU A 104 -12.53 -10.33 25.90
CA LEU A 104 -11.37 -11.19 25.65
C LEU A 104 -11.04 -11.13 24.16
N LEU A 105 -9.82 -10.72 23.86
CA LEU A 105 -9.33 -10.69 22.51
C LEU A 105 -8.62 -11.98 22.14
N LEU A 106 -7.63 -12.33 22.96
CA LEU A 106 -6.73 -13.44 22.64
C LEU A 106 -6.17 -13.97 23.94
N ALA A 107 -6.14 -15.31 24.08
CA ALA A 107 -5.56 -15.98 25.23
C ALA A 107 -4.46 -16.97 24.81
N GLU A 108 -3.34 -16.90 25.52
CA GLU A 108 -2.35 -17.93 25.43
C GLU A 108 -2.95 -19.29 25.86
N GLU A 109 -2.54 -20.35 25.16
CA GLU A 109 -2.79 -21.73 25.59
C GLU A 109 -1.56 -22.10 26.38
N SER A 110 -0.61 -22.87 25.85
CA SER A 110 0.66 -23.07 26.62
C SER A 110 1.64 -21.90 26.38
N GLY A 111 1.26 -20.94 25.53
CA GLY A 111 2.06 -19.72 25.33
C GLY A 111 3.44 -20.04 24.76
N PHE A 112 4.49 -19.60 25.46
CA PHE A 112 5.86 -19.79 25.00
C PHE A 112 6.43 -21.17 25.40
N GLN A 113 6.91 -21.97 24.44
CA GLN A 113 7.39 -23.35 24.78
C GLN A 113 8.78 -23.31 25.44
N LYS A 118 12.22 -24.48 17.62
CA LYS A 118 12.74 -24.19 18.93
C LYS A 118 12.10 -22.97 19.59
N ILE A 119 11.56 -22.02 18.83
CA ILE A 119 10.71 -20.96 19.39
C ILE A 119 9.27 -21.26 19.02
N ASN A 120 8.39 -21.23 20.01
CA ASN A 120 7.04 -21.68 19.80
C ASN A 120 6.04 -20.89 20.67
N PHE A 121 5.01 -20.31 20.05
CA PHE A 121 3.95 -19.65 20.77
C PHE A 121 2.65 -20.30 20.38
N ARG A 122 1.83 -20.63 21.37
CA ARG A 122 0.52 -21.26 21.18
C ARG A 122 -0.56 -20.44 21.91
N PHE A 123 -1.59 -20.04 21.15
CA PHE A 123 -2.76 -19.32 21.64
C PHE A 123 -4.05 -20.06 21.27
N TYR A 124 -5.10 -19.83 22.04
CA TYR A 124 -6.42 -20.33 21.67
C TYR A 124 -7.01 -19.43 20.59
N LEU A 125 -7.80 -20.02 19.71
CA LEU A 125 -8.68 -19.28 18.80
C LEU A 125 -10.10 -19.49 19.31
N SER A 126 -10.95 -18.48 19.20
CA SER A 126 -12.34 -18.57 19.66
C SER A 126 -13.21 -19.23 18.60
N PRO A 127 -14.33 -19.85 18.99
CA PRO A 127 -15.26 -20.36 17.95
C PRO A 127 -15.78 -19.20 17.09
N GLY A 128 -15.79 -19.42 15.79
CA GLY A 128 -16.26 -18.41 14.86
C GLY A 128 -15.24 -17.35 14.48
N GLU A 129 -14.12 -17.26 15.18
CA GLU A 129 -13.12 -16.26 14.89
C GLU A 129 -12.54 -16.46 13.48
N LYS A 130 -12.55 -15.38 12.68
CA LYS A 130 -11.96 -15.33 11.34
C LYS A 130 -10.61 -14.64 11.43
N ILE A 131 -9.63 -15.19 10.73
CA ILE A 131 -8.27 -14.70 10.81
C ILE A 131 -7.70 -14.35 9.42
N LEU A 132 -7.54 -13.06 9.18
CA LEU A 132 -6.75 -12.60 8.04
C LEU A 132 -5.28 -12.60 8.45
N GLY A 133 -4.40 -12.57 7.46
CA GLY A 133 -2.96 -12.43 7.75
C GLY A 133 -2.02 -13.29 6.93
N GLY A 134 -0.76 -13.22 7.35
CA GLY A 134 0.29 -13.95 6.70
C GLY A 134 0.91 -13.26 5.51
N GLY A 135 0.41 -12.08 5.15
CA GLY A 135 0.89 -11.37 3.98
C GLY A 135 0.47 -12.03 2.69
N GLN A 136 1.39 -12.10 1.73
CA GLN A 136 1.03 -12.63 0.42
C GLN A 136 0.87 -14.16 0.48
N ARG A 137 -0.38 -14.59 0.34
CA ARG A 137 -0.78 -15.97 0.14
C ARG A 137 -2.01 -15.92 -0.76
N ILE A 138 -2.30 -16.99 -1.49
CA ILE A 138 -3.57 -17.07 -2.24
C ILE A 138 -4.27 -18.32 -1.72
N LEU A 139 -5.05 -18.11 -0.68
CA LEU A 139 -5.66 -19.14 0.13
C LEU A 139 -7.13 -18.91 0.49
N GLY A 140 -7.66 -17.71 0.20
CA GLY A 140 -8.93 -17.25 0.78
C GLY A 140 -8.62 -16.17 1.84
N MET A 141 -9.51 -15.19 1.93
CA MET A 141 -9.24 -14.05 2.82
C MET A 141 -9.09 -14.46 4.28
N ASP A 142 -9.89 -15.41 4.74
CA ASP A 142 -9.84 -15.98 6.09
C ASP A 142 -8.88 -17.17 6.04
N ARG A 143 -7.72 -17.03 6.68
CA ARG A 143 -6.65 -18.05 6.62
C ARG A 143 -6.76 -19.08 7.73
N ARG A 144 -7.80 -18.98 8.55
CA ARG A 144 -8.07 -20.05 9.52
C ARG A 144 -8.26 -21.38 8.77
N GLY A 145 -7.69 -22.44 9.32
CA GLY A 145 -7.69 -23.72 8.64
C GLY A 145 -6.43 -23.95 7.82
N GLN A 146 -5.53 -22.95 7.76
CA GLN A 146 -4.30 -23.04 6.98
C GLN A 146 -3.04 -23.02 7.87
N ARG A 147 -2.01 -23.70 7.40
CA ARG A 147 -0.67 -23.68 7.98
C ARG A 147 0.27 -23.32 6.83
N PHE A 148 1.26 -22.47 7.10
CA PHE A 148 2.20 -22.09 6.07
C PHE A 148 3.51 -21.53 6.64
N PRO A 149 4.59 -21.60 5.87
CA PRO A 149 5.88 -21.11 6.33
C PRO A 149 5.94 -19.59 6.47
N LEU A 150 6.78 -19.14 7.37
CA LEU A 150 7.25 -17.74 7.42
C LEU A 150 8.66 -17.72 6.84
N TYR A 151 8.72 -17.69 5.52
CA TYR A 151 10.02 -17.69 4.79
C TYR A 151 9.79 -17.07 3.41
N ASN A 152 10.17 -15.80 3.30
CA ASN A 152 10.03 -15.07 2.05
C ASN A 152 10.71 -15.83 0.94
N ARG A 153 9.99 -16.09 -0.15
CA ARG A 153 10.47 -16.97 -1.20
C ARG A 153 9.75 -16.66 -2.53
N ALA A 154 10.44 -16.76 -3.65
CA ALA A 154 9.78 -16.57 -4.95
C ALA A 154 8.74 -17.62 -5.26
N HIS A 155 7.68 -17.20 -5.94
CA HIS A 155 6.72 -18.11 -6.51
C HIS A 155 6.49 -17.69 -7.96
N TYR A 156 7.49 -17.98 -8.81
CA TYR A 156 7.43 -17.58 -10.21
C TYR A 156 6.20 -18.17 -10.91
N GLY A 157 5.48 -17.34 -11.64
CA GLY A 157 4.39 -17.84 -12.47
C GLY A 157 3.15 -18.28 -11.72
N TYR A 158 2.97 -17.80 -10.48
CA TYR A 158 1.81 -18.17 -9.71
C TYR A 158 0.56 -17.69 -10.42
N SER A 159 -0.56 -18.31 -10.06
CA SER A 159 -1.85 -17.90 -10.59
C SER A 159 -2.89 -17.83 -9.51
N ASP A 160 -3.57 -18.94 -9.20
CA ASP A 160 -4.74 -18.89 -8.32
C ASP A 160 -4.52 -19.58 -6.97
N HIS A 161 -3.28 -19.93 -6.66
CA HIS A 161 -2.99 -20.58 -5.37
C HIS A 161 -1.54 -20.38 -4.93
N SER A 162 -1.33 -20.05 -3.67
CA SER A 162 0.01 -20.00 -3.09
C SER A 162 -0.03 -19.99 -1.58
N GLY A 163 0.66 -20.95 -0.97
CA GLY A 163 0.91 -20.91 0.45
C GLY A 163 2.18 -20.18 0.87
N GLN A 164 2.96 -19.65 -0.08
CA GLN A 164 4.32 -19.15 0.23
C GLN A 164 4.81 -18.34 -0.94
N MET A 165 4.99 -17.05 -0.76
CA MET A 165 5.52 -16.22 -1.87
C MET A 165 6.43 -15.10 -1.35
N TYR A 166 6.63 -14.06 -2.14
CA TYR A 166 7.73 -13.11 -1.96
C TYR A 166 7.74 -12.40 -0.60
N PHE A 167 6.55 -12.00 -0.15
CA PHE A 167 6.43 -11.07 0.97
C PHE A 167 5.37 -11.62 1.90
N GLY A 168 5.82 -12.54 2.75
CA GLY A 168 5.04 -12.93 3.91
C GLY A 168 5.16 -11.87 5.01
N LEU A 169 4.16 -11.84 5.87
CA LEU A 169 4.18 -11.05 7.10
C LEU A 169 3.86 -11.98 8.24
N PRO A 170 4.64 -11.93 9.32
CA PRO A 170 4.38 -12.72 10.51
C PRO A 170 3.32 -12.03 11.38
N ALA A 171 2.15 -11.82 10.82
CA ALA A 171 1.11 -11.06 11.50
C ALA A 171 -0.26 -11.51 11.05
N ILE A 172 -1.24 -11.39 11.94
CA ILE A 172 -2.64 -11.65 11.61
C ILE A 172 -3.53 -10.52 12.08
N MET A 173 -4.69 -10.44 11.47
CA MET A 173 -5.79 -9.55 11.87
C MET A 173 -7.02 -10.40 12.10
N SER A 174 -7.62 -10.29 13.28
CA SER A 174 -8.77 -11.08 13.65
C SER A 174 -10.08 -10.32 13.55
N SER A 175 -11.17 -11.07 13.30
CA SER A 175 -12.53 -10.55 13.40
C SER A 175 -12.89 -10.00 14.79
N LYS A 176 -12.13 -10.33 15.82
CA LYS A 176 -12.24 -9.68 17.14
C LYS A 176 -11.50 -8.33 17.22
N GLN A 177 -10.97 -7.88 16.09
CA GLN A 177 -10.36 -6.54 15.93
C GLN A 177 -9.12 -6.40 16.82
N TYR A 178 -8.22 -7.37 16.71
CA TYR A 178 -6.84 -7.19 17.13
C TYR A 178 -5.89 -7.58 15.99
N ILE A 179 -4.67 -7.08 16.09
CA ILE A 179 -3.59 -7.52 15.23
C ILE A 179 -2.55 -8.12 16.16
N LEU A 180 -2.04 -9.29 15.78
CA LEU A 180 -0.97 -10.00 16.50
C LEU A 180 0.26 -10.05 15.59
N VAL A 181 1.40 -9.60 16.09
CA VAL A 181 2.64 -9.67 15.32
C VAL A 181 3.63 -10.60 16.03
N PHE A 182 4.18 -11.55 15.28
CA PHE A 182 5.31 -12.35 15.74
C PHE A 182 6.57 -11.58 15.32
N ASP A 183 7.21 -10.91 16.28
CA ASP A 183 8.28 -9.93 15.98
C ASP A 183 9.61 -10.66 15.85
N ASN A 184 9.68 -11.51 14.83
CA ASN A 184 10.73 -12.48 14.68
C ASN A 184 11.06 -12.55 13.20
N SER A 185 12.35 -12.51 12.89
CA SER A 185 12.85 -12.42 11.54
C SER A 185 13.23 -13.74 10.91
N ALA A 186 13.10 -14.85 11.65
CA ALA A 186 13.73 -16.10 11.24
C ALA A 186 12.81 -16.98 10.43
N SER A 187 13.44 -17.94 9.75
CA SER A 187 12.70 -19.02 9.10
C SER A 187 11.75 -19.66 10.13
N GLY A 188 10.45 -19.68 9.81
CA GLY A 188 9.43 -20.07 10.75
C GLY A 188 8.15 -20.59 10.11
N ALA A 189 7.06 -20.57 10.88
CA ALA A 189 5.76 -21.07 10.38
C ALA A 189 4.61 -20.49 11.19
N MET A 190 3.44 -20.42 10.57
CA MET A 190 2.20 -20.09 11.22
C MET A 190 1.15 -21.19 10.96
N ASP A 191 0.52 -21.67 12.02
CA ASP A 191 -0.49 -22.73 11.94
C ASP A 191 -1.76 -22.11 12.51
N ILE A 192 -2.68 -21.70 11.64
CA ILE A 192 -3.86 -20.98 12.10
C ILE A 192 -5.04 -21.94 12.27
N GLY A 193 -4.98 -22.72 13.34
CA GLY A 193 -6.00 -23.72 13.64
C GLY A 193 -6.15 -24.83 12.63
N LYS A 194 -5.05 -25.23 12.01
CA LYS A 194 -5.07 -26.31 11.02
C LYS A 194 -4.86 -27.64 11.74
N THR A 195 -3.69 -27.78 12.36
CA THR A 195 -3.34 -29.02 13.07
C THR A 195 -4.29 -29.26 14.23
N GLU A 196 -4.52 -28.22 15.04
CA GLU A 196 -5.48 -28.30 16.14
C GLU A 196 -6.49 -27.19 15.96
N SER A 197 -7.76 -27.54 15.79
CA SER A 197 -8.77 -26.60 15.29
C SER A 197 -8.89 -25.30 16.11
N ASP A 198 -8.62 -25.40 17.40
CA ASP A 198 -8.71 -24.26 18.32
C ASP A 198 -7.35 -23.66 18.73
N ILE A 199 -6.29 -23.95 17.99
CA ILE A 199 -4.95 -23.44 18.34
C ILE A 199 -4.28 -22.67 17.18
N LEU A 200 -3.85 -21.45 17.51
CA LEU A 200 -2.95 -20.65 16.67
C LEU A 200 -1.53 -20.92 17.17
N GLN A 201 -0.67 -21.46 16.31
CA GLN A 201 0.73 -21.71 16.68
C GLN A 201 1.65 -20.89 15.80
N LEU A 202 2.60 -20.21 16.42
CA LEU A 202 3.65 -19.45 15.74
C LEU A 202 4.98 -20.15 16.05
N GLU A 203 5.82 -20.41 15.03
CA GLU A 203 7.11 -21.11 15.27
C GLU A 203 8.23 -20.45 14.49
N ALA A 204 9.44 -20.52 15.06
CA ALA A 204 10.65 -20.12 14.35
C ALA A 204 11.85 -20.98 14.78
N LYS A 205 12.81 -21.11 13.89
CA LYS A 205 14.03 -21.86 14.18
C LYS A 205 14.93 -21.14 15.16
N SER A 206 14.86 -19.81 15.18
CA SER A 206 15.74 -18.98 15.99
C SER A 206 15.17 -17.57 16.01
N GLY A 207 15.95 -16.61 16.46
CA GLY A 207 15.56 -15.23 16.43
C GLY A 207 14.81 -14.83 17.67
N ARG A 208 14.18 -13.66 17.62
CA ARG A 208 13.59 -12.99 18.81
C ARG A 208 12.32 -13.70 19.26
N SER A 209 12.21 -13.96 20.55
CA SER A 209 11.01 -14.61 21.12
C SER A 209 10.07 -13.56 21.69
N ALA A 210 9.40 -12.80 20.79
CA ALA A 210 8.48 -11.76 21.20
C ALA A 210 7.25 -11.70 20.29
N TYR A 211 6.15 -11.21 20.84
CA TYR A 211 5.00 -10.87 20.06
C TYR A 211 4.42 -9.55 20.52
N ILE A 212 3.67 -8.93 19.61
CA ILE A 212 3.04 -7.64 19.84
C ILE A 212 1.55 -7.84 19.59
N LEU A 213 0.71 -7.35 20.51
CA LEU A 213 -0.74 -7.37 20.37
C LEU A 213 -1.24 -5.94 20.30
N VAL A 214 -2.00 -5.62 19.25
CA VAL A 214 -2.58 -4.28 19.07
C VAL A 214 -4.07 -4.44 18.99
N ALA A 215 -4.79 -3.60 19.73
CA ALA A 215 -6.25 -3.60 19.71
C ALA A 215 -6.83 -2.32 19.09
N GLY A 216 -8.09 -2.39 18.71
CA GLY A 216 -8.84 -1.22 18.24
C GLY A 216 -10.34 -1.43 18.36
N ASN A 217 -11.09 -0.33 18.35
CA ASN A 217 -12.57 -0.38 18.40
C ASN A 217 -13.23 -0.46 17.03
N SER A 218 -12.46 -0.45 15.96
CA SER A 218 -12.99 -0.55 14.61
C SER A 218 -11.83 -0.97 13.76
N TYR A 219 -12.07 -1.42 12.53
CA TYR A 219 -10.94 -1.79 11.69
C TYR A 219 -10.07 -0.57 11.35
N PRO A 220 -10.70 0.60 11.08
CA PRO A 220 -9.88 1.79 10.87
C PRO A 220 -9.02 2.17 12.06
N SER A 221 -9.58 2.13 13.25
CA SER A 221 -8.82 2.46 14.47
C SER A 221 -7.74 1.42 14.78
N LEU A 222 -8.05 0.15 14.52
CA LEU A 222 -7.04 -0.91 14.72
C LEU A 222 -5.82 -0.62 13.83
N ILE A 223 -6.11 -0.26 12.58
CA ILE A 223 -5.07 0.01 11.61
C ILE A 223 -4.27 1.28 11.98
N GLU A 224 -4.97 2.31 12.44
CA GLU A 224 -4.32 3.52 13.00
C GLU A 224 -3.37 3.19 14.17
N ASN A 225 -3.86 2.37 15.07
CA ASN A 225 -3.09 1.95 16.24
C ASN A 225 -1.90 1.07 15.88
N PHE A 226 -2.09 0.22 14.86
CA PHE A 226 -1.04 -0.63 14.37
C PHE A 226 0.08 0.17 13.70
N THR A 227 -0.28 1.09 12.79
CA THR A 227 0.70 1.92 12.13
C THR A 227 1.32 2.95 13.10
N GLN A 228 0.61 3.31 14.16
CA GLN A 228 1.21 4.17 15.18
C GLN A 228 2.49 3.53 15.75
N VAL A 229 2.42 2.25 16.06
CA VAL A 229 3.56 1.55 16.71
C VAL A 229 4.52 0.88 15.74
N THR A 230 4.05 0.49 14.53
CA THR A 230 4.94 -0.15 13.55
C THR A 230 5.52 0.79 12.51
N GLY A 231 4.89 1.96 12.34
CA GLY A 231 5.36 2.97 11.41
C GLY A 231 4.31 3.40 10.39
N ARG A 232 4.28 4.71 10.12
CA ARG A 232 3.36 5.30 9.13
C ARG A 232 4.16 5.51 7.89
N GLN A 233 3.58 5.22 6.75
CA GLN A 233 4.25 5.47 5.50
C GLN A 233 4.34 6.98 5.23
N PRO A 234 5.56 7.48 4.96
CA PRO A 234 5.67 8.88 4.52
C PRO A 234 5.01 9.05 3.18
N LEU A 235 4.43 10.22 2.95
CA LEU A 235 3.74 10.46 1.70
C LEU A 235 4.73 10.23 0.54
N PRO A 236 4.41 9.33 -0.42
CA PRO A 236 5.29 9.24 -1.57
C PRO A 236 5.24 10.51 -2.43
N PRO A 237 6.22 10.69 -3.32
CA PRO A 237 6.14 11.79 -4.27
C PRO A 237 4.90 11.58 -5.11
N ARG A 238 4.26 12.68 -5.52
CA ARG A 238 3.00 12.59 -6.26
C ARG A 238 3.20 11.80 -7.57
N TRP A 239 4.39 11.90 -8.14
CA TRP A 239 4.70 11.14 -9.34
C TRP A 239 4.56 9.61 -9.18
N ALA A 240 4.62 9.09 -7.97
CA ALA A 240 4.38 7.66 -7.75
C ALA A 240 2.97 7.22 -8.10
N LEU A 241 2.04 8.16 -8.14
CA LEU A 241 0.66 7.91 -8.55
C LEU A 241 0.39 8.03 -10.05
N GLY A 242 1.43 8.32 -10.82
CA GLY A 242 1.31 8.42 -12.26
C GLY A 242 1.53 7.13 -13.04
N SER A 243 1.68 7.31 -14.36
CA SER A 243 1.90 6.28 -15.34
C SER A 243 3.35 5.89 -15.46
N PHE A 244 3.64 4.61 -15.29
CA PHE A 244 5.00 4.06 -15.44
C PHE A 244 5.12 3.28 -16.78
N ALA A 245 6.21 3.53 -17.48
CA ALA A 245 6.62 2.69 -18.59
C ALA A 245 7.59 1.65 -18.02
N SER A 246 7.24 0.38 -18.18
CA SER A 246 8.14 -0.68 -17.69
C SER A 246 7.96 -1.93 -18.51
N ARG A 247 9.07 -2.68 -18.63
CA ARG A 247 9.15 -4.02 -19.20
C ARG A 247 10.42 -4.70 -18.61
N PHE A 248 10.50 -6.00 -18.78
CA PHE A 248 11.78 -6.72 -18.54
C PHE A 248 12.25 -7.15 -19.91
N GLY A 249 13.08 -6.34 -20.59
CA GLY A 249 13.63 -5.03 -20.13
C GLY A 249 14.04 -4.20 -21.33
N TYR A 250 14.11 -2.87 -21.19
CA TYR A 250 14.63 -2.01 -22.28
C TYR A 250 16.09 -2.43 -22.51
N ARG A 251 16.44 -2.74 -23.76
CA ARG A 251 17.78 -3.29 -24.05
C ARG A 251 18.84 -2.23 -24.31
N SER A 252 18.44 -1.00 -24.52
CA SER A 252 19.36 0.05 -24.89
C SER A 252 18.80 1.43 -24.55
N GLU A 253 19.71 2.39 -24.46
CA GLU A 253 19.27 3.81 -24.40
C GLU A 253 18.32 4.18 -25.56
N ALA A 254 18.63 3.76 -26.78
CA ALA A 254 17.77 4.09 -27.93
C ALA A 254 16.39 3.53 -27.78
N GLU A 255 16.30 2.32 -27.23
CA GLU A 255 15.02 1.69 -27.00
C GLU A 255 14.23 2.39 -25.87
N THR A 256 14.94 2.81 -24.83
CA THR A 256 14.36 3.51 -23.71
C THR A 256 13.83 4.87 -24.23
N ARG A 257 14.64 5.59 -24.98
CA ARG A 257 14.24 6.86 -25.55
C ARG A 257 13.04 6.68 -26.50
N ALA A 258 13.02 5.59 -27.26
CA ALA A 258 11.94 5.35 -28.21
C ALA A 258 10.63 5.08 -27.47
N THR A 259 10.72 4.50 -26.27
CA THR A 259 9.54 4.20 -25.46
C THR A 259 8.95 5.49 -24.85
N VAL A 260 9.81 6.35 -24.32
CA VAL A 260 9.37 7.66 -23.81
C VAL A 260 8.66 8.39 -24.99
N GLN A 261 9.31 8.39 -26.15
CA GLN A 261 8.75 8.98 -27.38
C GLN A 261 7.40 8.41 -27.78
N LYS A 262 7.25 7.09 -27.67
CA LYS A 262 6.00 6.42 -28.03
C LYS A 262 4.85 6.91 -27.13
N TYR A 263 5.14 7.15 -25.85
CA TYR A 263 4.12 7.73 -24.98
C TYR A 263 3.68 9.14 -25.45
N LYS A 264 4.65 9.93 -25.87
CA LYS A 264 4.34 11.26 -26.39
C LYS A 264 3.57 11.17 -27.70
N THR A 265 4.00 10.31 -28.62
CA THR A 265 3.33 10.27 -29.93
C THR A 265 1.98 9.56 -29.88
N GLU A 266 1.76 8.67 -28.90
CA GLU A 266 0.47 8.01 -28.72
C GLU A 266 -0.47 8.70 -27.73
N ASP A 267 -0.01 9.81 -27.16
CA ASP A 267 -0.82 10.59 -26.24
C ASP A 267 -1.31 9.75 -25.04
N PHE A 268 -0.38 9.05 -24.38
CA PHE A 268 -0.63 8.47 -23.11
C PHE A 268 0.20 9.22 -22.07
N PRO A 269 -0.39 9.49 -20.91
CA PRO A 269 0.40 10.07 -19.84
C PRO A 269 1.61 9.20 -19.44
N LEU A 270 2.70 9.87 -19.04
CA LEU A 270 3.90 9.18 -18.54
C LEU A 270 4.65 10.02 -17.55
N ASP A 271 4.89 9.46 -16.38
CA ASP A 271 5.71 10.09 -15.36
C ASP A 271 7.10 9.48 -15.24
N THR A 272 7.20 8.15 -15.41
CA THR A 272 8.43 7.46 -14.99
C THR A 272 8.67 6.29 -15.93
N ILE A 273 9.93 6.14 -16.34
CA ILE A 273 10.37 4.96 -17.05
C ILE A 273 11.30 4.16 -16.16
N VAL A 274 11.16 2.84 -16.24
CA VAL A 274 11.82 1.90 -15.32
C VAL A 274 12.75 1.01 -16.11
N LEU A 275 14.03 0.96 -15.70
CA LEU A 275 15.04 0.18 -16.41
C LEU A 275 15.40 -1.09 -15.61
N ASP A 276 15.16 -2.23 -16.24
CA ASP A 276 15.47 -3.54 -15.68
C ASP A 276 16.97 -3.83 -15.92
N LEU A 277 17.37 -5.06 -15.71
CA LEU A 277 18.79 -5.40 -15.48
C LEU A 277 19.72 -5.23 -16.70
N TYR A 278 19.15 -4.98 -17.89
CA TYR A 278 20.01 -4.69 -19.03
C TYR A 278 20.74 -3.33 -18.97
N TRP A 279 20.35 -2.42 -18.06
CA TRP A 279 21.07 -1.16 -17.92
C TRP A 279 22.53 -1.37 -17.51
N PHE A 280 22.82 -2.49 -16.84
CA PHE A 280 24.20 -2.84 -16.40
C PHE A 280 24.88 -4.03 -17.11
N GLY A 281 24.22 -4.66 -18.10
CA GLY A 281 24.84 -5.74 -18.92
C GLY A 281 23.93 -6.31 -19.97
N LYS A 282 24.47 -6.85 -21.07
CA LYS A 282 23.62 -7.27 -22.21
C LYS A 282 22.94 -8.60 -22.06
N ASP A 283 23.33 -9.36 -21.03
CA ASP A 283 22.76 -10.68 -20.78
C ASP A 283 22.13 -10.67 -19.40
N ILE A 284 21.20 -11.58 -19.20
CA ILE A 284 20.56 -11.78 -17.92
C ILE A 284 21.60 -12.34 -16.94
N LYS A 285 22.46 -13.24 -17.42
CA LYS A 285 23.49 -13.89 -16.58
C LYS A 285 24.79 -13.14 -16.62
N GLY A 286 25.46 -13.09 -15.49
CA GLY A 286 26.87 -12.78 -15.46
C GLY A 286 27.29 -11.38 -15.13
N HIS A 287 26.34 -10.43 -15.11
CA HIS A 287 26.67 -8.98 -14.89
C HIS A 287 26.20 -8.37 -13.56
N MET A 288 25.27 -9.03 -12.89
CA MET A 288 24.67 -8.55 -11.66
C MET A 288 25.75 -8.24 -10.62
N GLY A 289 25.65 -7.04 -10.08
CA GLY A 289 26.70 -6.51 -9.23
C GLY A 289 27.52 -5.41 -9.89
N ASN A 290 27.53 -5.35 -11.23
CA ASN A 290 28.20 -4.27 -11.93
C ASN A 290 27.73 -2.89 -11.40
N LEU A 291 26.43 -2.76 -11.15
CA LEU A 291 25.86 -1.55 -10.58
C LEU A 291 26.43 -0.28 -11.28
N ASP A 292 26.48 -0.33 -12.61
CA ASP A 292 27.01 0.76 -13.40
C ASP A 292 26.60 0.50 -14.83
N TRP A 293 26.59 1.56 -15.64
CA TRP A 293 26.01 1.50 -16.95
C TRP A 293 26.77 0.64 -17.94
N ASP A 294 26.05 -0.20 -18.66
CA ASP A 294 26.59 -0.85 -19.84
C ASP A 294 26.67 0.14 -20.98
N LYS A 295 27.87 0.69 -21.19
CA LYS A 295 28.07 1.75 -22.18
C LYS A 295 28.01 1.35 -23.64
N GLU A 296 28.20 0.06 -23.97
CA GLU A 296 27.96 -0.39 -25.34
C GLU A 296 26.46 -0.18 -25.65
N ASN A 297 25.56 -0.37 -24.70
CA ASN A 297 24.09 -0.19 -24.98
C ASN A 297 23.41 1.05 -24.39
N PHE A 298 24.02 1.67 -23.37
CA PHE A 298 23.59 2.94 -22.79
C PHE A 298 24.78 3.91 -22.82
N PRO A 299 25.12 4.44 -24.02
CA PRO A 299 26.33 5.24 -24.17
C PRO A 299 26.34 6.64 -23.50
N THR A 300 25.18 7.29 -23.38
CA THR A 300 25.11 8.65 -22.84
C THR A 300 23.99 8.73 -21.80
N PRO A 301 24.13 7.99 -20.68
CA PRO A 301 23.03 7.89 -19.72
C PRO A 301 22.73 9.17 -18.94
N LEU A 302 23.71 10.04 -18.71
CA LEU A 302 23.41 11.33 -18.08
C LEU A 302 22.55 12.21 -19.02
N ASP A 303 22.90 12.25 -20.29
CA ASP A 303 22.09 12.98 -21.27
C ASP A 303 20.69 12.38 -21.38
N MET A 304 20.59 11.05 -21.34
CA MET A 304 19.33 10.37 -21.37
C MET A 304 18.41 10.77 -20.22
N MET A 305 18.91 10.70 -19.00
CA MET A 305 18.12 11.08 -17.85
C MET A 305 17.77 12.54 -17.83
N ALA A 306 18.69 13.42 -18.23
CA ALA A 306 18.40 14.87 -18.32
C ALA A 306 17.34 15.15 -19.39
N ASP A 307 17.44 14.48 -20.54
CA ASP A 307 16.47 14.64 -21.64
C ASP A 307 15.05 14.22 -21.20
N PHE A 308 14.98 13.12 -20.47
CA PHE A 308 13.73 12.66 -19.89
C PHE A 308 13.20 13.67 -18.85
N LYS A 309 14.06 14.18 -18.00
CA LYS A 309 13.63 15.16 -17.00
C LYS A 309 13.02 16.43 -17.66
N GLN A 310 13.59 16.86 -18.78
CA GLN A 310 13.05 17.99 -19.56
C GLN A 310 11.62 17.76 -20.02
N GLN A 311 11.29 16.50 -20.28
CA GLN A 311 9.92 16.07 -20.61
C GLN A 311 9.10 15.64 -19.38
N GLY A 312 9.59 15.92 -18.18
CA GLY A 312 8.85 15.59 -16.99
C GLY A 312 8.84 14.10 -16.65
N VAL A 313 9.81 13.35 -17.18
CA VAL A 313 9.87 11.89 -17.00
C VAL A 313 11.06 11.50 -16.12
N LYS A 314 10.76 10.77 -15.07
CA LYS A 314 11.77 10.27 -14.10
C LYS A 314 12.33 8.95 -14.57
N THR A 315 13.56 8.65 -14.12
CA THR A 315 14.21 7.36 -14.41
C THR A 315 14.40 6.58 -13.12
N VAL A 316 14.00 5.32 -13.14
CA VAL A 316 14.14 4.43 -12.01
C VAL A 316 14.98 3.23 -12.48
N LEU A 317 15.98 2.84 -11.68
CA LEU A 317 16.80 1.67 -11.99
C LEU A 317 16.60 0.49 -11.01
N ILE A 318 16.71 -0.71 -11.56
CA ILE A 318 16.74 -1.94 -10.77
C ILE A 318 18.13 -2.15 -10.12
N THR A 319 18.10 -2.69 -8.93
CA THR A 319 19.28 -3.14 -8.21
C THR A 319 18.87 -4.44 -7.54
N GLU A 320 19.87 -5.20 -7.10
CA GLU A 320 19.64 -6.49 -6.46
C GLU A 320 20.66 -6.69 -5.32
N PRO A 321 20.42 -7.67 -4.43
CA PRO A 321 21.35 -7.92 -3.34
C PRO A 321 22.67 -8.60 -3.73
N PHE A 322 22.73 -9.21 -4.92
CA PHE A 322 23.80 -10.12 -5.25
C PHE A 322 24.89 -9.49 -6.09
N VAL A 323 26.13 -9.83 -5.79
CA VAL A 323 27.27 -9.42 -6.56
C VAL A 323 27.92 -10.69 -7.06
N LEU A 324 27.93 -10.87 -8.37
CA LEU A 324 28.52 -12.08 -8.96
C LEU A 324 30.05 -12.00 -9.01
N THR A 325 30.68 -13.17 -9.00
CA THR A 325 32.14 -13.26 -9.10
C THR A 325 32.64 -12.81 -10.48
N SER A 326 31.78 -12.89 -11.49
CA SER A 326 32.08 -12.41 -12.84
C SER A 326 31.84 -10.91 -13.03
N SER A 327 31.25 -10.24 -12.05
CA SER A 327 30.95 -8.82 -12.15
C SER A 327 32.19 -7.97 -11.89
N LYS A 328 32.13 -6.74 -12.37
CA LYS A 328 33.22 -5.78 -12.20
C LYS A 328 33.45 -5.37 -10.74
N ARG A 329 32.49 -5.56 -9.86
CA ARG A 329 32.60 -5.10 -8.48
C ARG A 329 32.93 -6.23 -7.46
N TRP A 330 33.11 -7.47 -7.94
CA TRP A 330 33.45 -8.57 -7.02
C TRP A 330 34.69 -8.25 -6.17
N ASP A 331 35.82 -8.03 -6.83
CA ASP A 331 37.09 -7.83 -6.13
C ASP A 331 36.98 -6.70 -5.10
N ASP A 332 36.32 -5.61 -5.49
CA ASP A 332 36.13 -4.44 -4.66
C ASP A 332 35.23 -4.72 -3.48
N ALA A 333 34.13 -5.41 -3.72
CA ALA A 333 33.22 -5.82 -2.64
C ALA A 333 33.91 -6.69 -1.57
N VAL A 334 34.69 -7.64 -2.03
CA VAL A 334 35.51 -8.47 -1.14
C VAL A 334 36.50 -7.61 -0.37
N LYS A 335 37.14 -6.66 -1.05
CA LYS A 335 38.18 -5.83 -0.40
C LYS A 335 37.54 -5.02 0.70
N ALA A 336 36.37 -4.50 0.39
CA ALA A 336 35.60 -3.67 1.32
C ALA A 336 34.90 -4.44 2.44
N LYS A 337 34.92 -5.78 2.42
CA LYS A 337 34.16 -6.60 3.37
C LYS A 337 32.66 -6.33 3.30
N ALA A 338 32.16 -6.08 2.09
CA ALA A 338 30.75 -5.74 1.90
C ALA A 338 29.82 -6.92 1.83
N LEU A 339 30.35 -8.13 1.61
CA LEU A 339 29.53 -9.30 1.40
C LEU A 339 29.39 -10.16 2.64
N ALA A 340 28.27 -10.84 2.77
CA ALA A 340 28.13 -11.86 3.80
C ALA A 340 29.20 -12.93 3.66
N LYS A 341 29.54 -13.53 4.80
CA LYS A 341 30.66 -14.42 4.91
C LYS A 341 30.21 -15.85 5.21
N ASP A 342 31.08 -16.80 5.00
CA ASP A 342 30.87 -18.14 5.56
C ASP A 342 31.42 -18.21 7.00
N PRO A 343 31.20 -19.35 7.72
CA PRO A 343 31.74 -19.49 9.07
C PRO A 343 33.27 -19.44 9.16
N GLN A 344 33.97 -19.69 8.05
CA GLN A 344 35.43 -19.55 7.95
C GLN A 344 35.89 -18.06 7.86
N GLY A 345 34.99 -17.13 7.51
CA GLY A 345 35.31 -15.68 7.39
C GLY A 345 35.57 -15.17 5.99
N GLN A 346 35.46 -16.07 5.01
CA GLN A 346 35.62 -15.79 3.60
C GLN A 346 34.27 -15.24 3.08
N PRO A 347 34.27 -14.46 1.99
CA PRO A 347 32.99 -14.15 1.33
C PRO A 347 32.28 -15.43 0.90
N LYS A 348 30.99 -15.51 1.20
CA LYS A 348 30.17 -16.64 0.82
C LYS A 348 29.73 -16.48 -0.65
N ALA A 349 30.05 -17.46 -1.48
CA ALA A 349 29.62 -17.48 -2.86
C ALA A 349 28.75 -18.69 -3.08
N PHE A 350 27.71 -18.53 -3.89
CA PHE A 350 26.75 -19.59 -4.14
C PHE A 350 26.13 -19.44 -5.54
N GLU A 351 25.61 -20.54 -6.10
CA GLU A 351 25.22 -20.59 -7.51
C GLU A 351 23.81 -20.12 -7.73
N LEU A 352 23.64 -18.84 -8.04
CA LEU A 352 22.35 -18.29 -8.46
C LEU A 352 22.09 -18.64 -9.92
N TYR A 353 20.87 -18.41 -10.40
CA TYR A 353 20.56 -18.50 -11.84
C TYR A 353 21.55 -17.67 -12.71
N PHE A 354 21.97 -16.51 -12.17
CA PHE A 354 22.78 -15.51 -12.90
C PHE A 354 24.24 -15.88 -12.95
N GLY A 355 24.65 -16.80 -12.08
CA GLY A 355 26.04 -17.22 -11.99
C GLY A 355 26.39 -17.30 -10.53
N ASN A 356 27.66 -17.51 -10.25
CA ASN A 356 28.14 -17.68 -8.89
C ASN A 356 28.29 -16.29 -8.24
N GLY A 357 27.75 -16.11 -7.04
CA GLY A 357 27.89 -14.83 -6.38
C GLY A 357 27.62 -14.81 -4.91
N GLY A 358 27.84 -13.63 -4.32
CA GLY A 358 27.56 -13.36 -2.94
C GLY A 358 26.42 -12.38 -2.72
N ILE A 359 26.15 -12.11 -1.45
CA ILE A 359 25.07 -11.22 -1.08
C ILE A 359 25.63 -10.11 -0.23
N ILE A 360 25.21 -8.89 -0.55
CA ILE A 360 25.69 -7.70 0.16
C ILE A 360 25.11 -7.72 1.55
N ASP A 361 25.95 -7.54 2.55
CA ASP A 361 25.47 -7.67 3.90
C ASP A 361 24.99 -6.31 4.37
N VAL A 362 23.71 -6.04 4.14
CA VAL A 362 23.09 -4.77 4.59
C VAL A 362 22.98 -4.64 6.11
N PHE A 363 23.18 -5.75 6.83
CA PHE A 363 23.19 -5.69 8.28
C PHE A 363 24.54 -5.22 8.82
N SER A 364 25.57 -5.06 7.99
CA SER A 364 26.90 -4.64 8.48
C SER A 364 27.14 -3.19 8.13
N LYS A 365 28.02 -2.59 8.89
CA LYS A 365 28.51 -1.25 8.63
C LYS A 365 29.18 -1.19 7.28
N GLU A 366 30.03 -2.18 6.97
CA GLU A 366 30.82 -2.16 5.73
C GLU A 366 29.96 -2.34 4.48
N GLY A 367 29.06 -3.33 4.50
CA GLY A 367 28.13 -3.53 3.39
C GLY A 367 27.21 -2.34 3.18
N SER A 368 26.71 -1.76 4.26
CA SER A 368 25.84 -0.58 4.14
C SER A 368 26.55 0.62 3.53
N ARG A 369 27.75 0.93 4.02
CA ARG A 369 28.52 2.06 3.51
C ARG A 369 28.85 1.82 2.02
N TRP A 370 29.28 0.60 1.68
CA TRP A 370 29.66 0.28 0.30
C TRP A 370 28.47 0.42 -0.65
N PHE A 371 27.34 -0.18 -0.30
CA PHE A 371 26.16 -0.19 -1.18
C PHE A 371 25.56 1.22 -1.29
N SER A 372 25.49 1.90 -0.14
CA SER A 372 24.97 3.27 -0.06
C SER A 372 25.75 4.27 -0.94
N SER A 373 27.09 4.14 -0.97
N SER A 373 27.08 4.14 -0.97
CA SER A 373 27.95 4.96 -1.82
CA SER A 373 27.93 5.00 -1.81
C SER A 373 27.59 4.79 -3.30
C SER A 373 27.63 4.78 -3.31
N ILE A 374 27.28 3.56 -3.69
CA ILE A 374 26.89 3.27 -5.09
C ILE A 374 25.54 3.93 -5.43
N TYR A 375 24.54 3.78 -4.57
CA TYR A 375 23.28 4.48 -4.74
C TYR A 375 23.44 6.01 -4.82
N LYS A 376 24.30 6.54 -3.98
CA LYS A 376 24.53 8.00 -3.96
C LYS A 376 25.07 8.52 -5.28
N ASP A 377 26.06 7.80 -5.78
CA ASP A 377 26.71 8.14 -7.02
C ASP A 377 25.71 8.15 -8.20
N LEU A 378 25.00 7.05 -8.36
CA LEU A 378 24.00 6.91 -9.44
C LEU A 378 22.86 7.94 -9.30
N SER A 379 22.47 8.25 -8.08
CA SER A 379 21.44 9.24 -7.82
C SER A 379 21.94 10.64 -8.18
N LYS A 380 23.22 10.91 -7.91
CA LYS A 380 23.83 12.17 -8.39
C LYS A 380 23.77 12.29 -9.89
N GLN A 381 23.92 11.18 -10.61
CA GLN A 381 23.88 11.19 -12.06
C GLN A 381 22.51 11.52 -12.64
N GLY A 382 21.44 11.37 -11.86
CA GLY A 382 20.09 11.69 -12.31
C GLY A 382 18.99 10.70 -12.00
N VAL A 383 19.30 9.57 -11.36
CA VAL A 383 18.31 8.54 -11.03
C VAL A 383 17.38 9.13 -9.95
N ALA A 384 16.07 9.08 -10.23
CA ALA A 384 15.05 9.69 -9.39
C ALA A 384 14.48 8.76 -8.36
N GLY A 385 14.53 7.46 -8.62
CA GLY A 385 13.98 6.44 -7.71
C GLY A 385 14.59 5.09 -7.96
N TRP A 386 14.26 4.14 -7.09
CA TRP A 386 14.97 2.89 -6.99
C TRP A 386 14.04 1.68 -6.87
N TRP A 387 14.45 0.64 -7.58
CA TRP A 387 13.76 -0.64 -7.63
C TRP A 387 14.73 -1.68 -7.07
N GLY A 388 14.33 -2.38 -6.01
CA GLY A 388 15.19 -3.42 -5.37
C GLY A 388 14.50 -4.74 -5.59
N ASP A 389 15.01 -5.56 -6.50
CA ASP A 389 14.41 -6.86 -6.77
C ASP A 389 15.17 -7.97 -6.04
N LEU A 390 14.50 -9.11 -5.78
CA LEU A 390 15.13 -10.34 -5.24
C LEU A 390 15.52 -10.27 -3.75
N GLY A 391 14.89 -9.37 -3.00
CA GLY A 391 15.19 -9.14 -1.58
C GLY A 391 14.62 -10.14 -0.56
N GLU A 392 14.11 -11.27 -1.02
CA GLU A 392 13.62 -12.31 -0.10
C GLU A 392 14.63 -12.76 0.99
N PRO A 393 15.96 -12.86 0.74
CA PRO A 393 16.62 -12.88 -0.56
C PRO A 393 16.24 -14.10 -1.35
N GLU A 394 16.16 -13.99 -2.67
CA GLU A 394 15.63 -15.12 -3.50
C GLU A 394 16.39 -16.43 -3.29
N MET A 395 17.71 -16.34 -3.14
CA MET A 395 18.56 -17.50 -2.75
C MET A 395 19.36 -17.03 -1.54
N HIS A 396 19.38 -17.85 -0.50
CA HIS A 396 19.93 -17.46 0.80
C HIS A 396 20.40 -18.69 1.55
N PRO A 397 21.56 -19.25 1.14
CA PRO A 397 21.98 -20.50 1.79
C PRO A 397 22.15 -20.36 3.32
N GLU A 398 21.83 -21.45 4.00
CA GLU A 398 21.72 -21.53 5.46
C GLU A 398 22.99 -21.12 6.22
N ASP A 399 24.14 -21.43 5.67
CA ASP A 399 25.40 -21.12 6.36
C ASP A 399 25.90 -19.69 6.09
N THR A 400 25.19 -18.90 5.29
CA THR A 400 25.56 -17.53 5.06
C THR A 400 25.51 -16.75 6.38
N GLN A 401 26.57 -16.02 6.69
CA GLN A 401 26.63 -15.28 7.95
C GLN A 401 26.57 -13.79 7.71
N HIS A 402 25.61 -13.13 8.35
CA HIS A 402 25.49 -11.69 8.36
C HIS A 402 26.04 -11.19 9.66
N ALA A 403 26.26 -9.88 9.71
CA ALA A 403 26.87 -9.26 10.91
C ALA A 403 26.13 -9.60 12.21
N ILE A 404 24.81 -9.69 12.16
CA ILE A 404 23.96 -9.93 13.34
C ILE A 404 23.36 -11.34 13.48
N GLY A 405 23.67 -12.24 12.56
CA GLY A 405 23.18 -13.62 12.66
C GLY A 405 23.22 -14.32 11.32
N ASP A 406 22.89 -15.61 11.34
CA ASP A 406 22.94 -16.40 10.11
C ASP A 406 21.69 -16.15 9.20
N ALA A 407 21.79 -16.64 7.98
CA ALA A 407 20.73 -16.43 6.96
C ALA A 407 19.37 -16.79 7.48
N ASP A 408 19.24 -18.00 8.06
CA ASP A 408 17.94 -18.44 8.59
C ASP A 408 17.40 -17.60 9.72
N THR A 409 18.27 -16.97 10.50
CA THR A 409 17.83 -16.11 11.58
C THR A 409 17.36 -14.71 11.11
N VAL A 410 18.02 -14.12 10.12
CA VAL A 410 17.70 -12.76 9.65
C VAL A 410 16.84 -12.69 8.35
N HIS A 411 16.54 -13.85 7.75
CA HIS A 411 16.04 -13.95 6.39
C HIS A 411 14.90 -12.96 6.07
N ASN A 412 13.87 -12.98 6.90
CA ASN A 412 12.65 -12.21 6.61
C ASN A 412 12.73 -10.74 6.93
N ALA A 413 13.89 -10.30 7.44
CA ALA A 413 14.19 -8.89 7.63
C ALA A 413 15.23 -8.33 6.67
N TYR A 414 15.79 -9.13 5.77
CA TYR A 414 16.85 -8.63 4.87
C TYR A 414 16.31 -7.44 4.03
N GLY A 415 15.19 -7.67 3.36
CA GLY A 415 14.57 -6.64 2.53
C GLY A 415 14.20 -5.35 3.26
N HIS A 416 13.72 -5.54 4.48
CA HIS A 416 13.36 -4.49 5.44
C HIS A 416 14.58 -3.59 5.75
N ARG A 417 15.69 -4.22 6.10
CA ARG A 417 16.94 -3.48 6.37
C ARG A 417 17.50 -2.82 5.09
N TRP A 418 17.38 -3.52 3.97
CA TRP A 418 17.76 -2.96 2.68
C TRP A 418 16.94 -1.65 2.37
N ALA A 419 15.64 -1.69 2.62
CA ALA A 419 14.81 -0.47 2.49
C ALA A 419 15.23 0.62 3.45
N GLU A 420 15.51 0.26 4.70
CA GLU A 420 15.96 1.26 5.67
C GLU A 420 17.28 1.93 5.23
N MET A 421 18.26 1.11 4.81
CA MET A 421 19.55 1.61 4.36
C MET A 421 19.37 2.65 3.20
N LEU A 422 18.53 2.26 2.24
CA LEU A 422 18.35 3.05 1.05
C LEU A 422 17.52 4.30 1.36
N TYR A 423 16.49 4.15 2.18
CA TYR A 423 15.71 5.30 2.64
C TYR A 423 16.58 6.36 3.34
N GLN A 424 17.34 5.93 4.34
CA GLN A 424 18.26 6.82 5.08
C GLN A 424 19.24 7.47 4.13
N GLN A 425 19.79 6.69 3.21
CA GLN A 425 20.70 7.22 2.19
C GLN A 425 20.07 8.35 1.34
N GLN A 426 18.88 8.09 0.84
CA GLN A 426 18.16 9.04 -0.02
C GLN A 426 17.77 10.30 0.75
N LEU A 427 17.36 10.15 2.01
CA LEU A 427 17.08 11.31 2.87
C LEU A 427 18.32 12.13 3.15
N ASP A 428 19.44 11.46 3.41
CA ASP A 428 20.69 12.18 3.57
C ASP A 428 21.11 12.94 2.30
N GLN A 429 20.97 12.33 1.12
CA GLN A 429 21.39 12.97 -0.13
C GLN A 429 20.43 14.10 -0.60
N PHE A 430 19.14 13.84 -0.53
CA PHE A 430 18.10 14.76 -1.01
C PHE A 430 17.07 14.98 0.11
N PRO A 431 17.42 15.78 1.12
CA PRO A 431 16.48 15.98 2.24
C PRO A 431 15.18 16.69 1.85
N GLU A 432 15.13 17.33 0.68
CA GLU A 432 13.94 18.01 0.21
C GLU A 432 13.13 17.21 -0.79
N LEU A 433 13.46 15.92 -0.97
CA LEU A 433 12.68 15.03 -1.83
C LEU A 433 12.20 13.79 -1.08
N ARG A 434 11.13 13.20 -1.61
CA ARG A 434 10.55 11.97 -1.07
C ARG A 434 11.15 10.75 -1.80
N PRO A 435 11.75 9.81 -1.04
CA PRO A 435 12.29 8.65 -1.74
C PRO A 435 11.22 7.77 -2.35
N PHE A 436 11.55 7.19 -3.51
CA PHE A 436 10.73 6.18 -4.19
C PHE A 436 11.55 4.89 -4.13
N ILE A 437 11.02 3.92 -3.39
CA ILE A 437 11.74 2.64 -3.12
C ILE A 437 10.75 1.51 -3.36
N MET A 438 10.89 0.81 -4.47
CA MET A 438 9.96 -0.27 -4.82
C MET A 438 10.70 -1.60 -4.59
N MET A 439 10.15 -2.47 -3.75
CA MET A 439 10.80 -3.73 -3.37
C MET A 439 9.80 -4.85 -3.27
N ARG A 440 10.30 -6.08 -3.38
CA ARG A 440 9.47 -7.30 -3.46
C ARG A 440 9.24 -8.00 -2.11
N ALA A 441 10.07 -7.68 -1.13
CA ALA A 441 10.07 -8.41 0.13
C ALA A 441 10.48 -7.48 1.25
N GLY A 442 9.76 -7.57 2.36
CA GLY A 442 10.03 -6.74 3.53
C GLY A 442 9.59 -7.43 4.80
N PHE A 443 9.30 -6.64 5.83
CA PHE A 443 8.88 -7.14 7.11
C PHE A 443 7.78 -6.23 7.61
N VAL A 444 7.14 -6.60 8.71
CA VAL A 444 6.19 -5.68 9.36
C VAL A 444 6.97 -4.38 9.68
N GLY A 445 6.35 -3.24 9.38
CA GLY A 445 7.00 -1.95 9.56
C GLY A 445 7.78 -1.37 8.40
N SER A 446 7.99 -2.15 7.33
CA SER A 446 8.82 -1.67 6.22
C SER A 446 8.21 -0.44 5.54
N GLN A 447 6.90 -0.26 5.69
CA GLN A 447 6.24 0.95 5.17
C GLN A 447 6.81 2.23 5.76
N ARG A 448 7.42 2.18 6.96
CA ARG A 448 8.04 3.38 7.50
C ARG A 448 9.31 3.82 6.79
N TYR A 449 9.88 2.93 5.97
CA TYR A 449 10.99 3.27 5.08
C TYR A 449 10.50 3.54 3.65
N GLY A 450 9.21 3.81 3.48
CA GLY A 450 8.65 4.11 2.18
C GLY A 450 8.50 2.94 1.24
N MET A 451 8.56 1.69 1.73
CA MET A 451 8.54 0.56 0.80
C MET A 451 7.22 0.50 0.04
N ILE A 452 7.33 0.43 -1.28
CA ILE A 452 6.21 0.25 -2.17
C ILE A 452 6.38 -1.17 -2.77
N PRO A 453 5.58 -2.13 -2.30
CA PRO A 453 5.70 -3.51 -2.79
C PRO A 453 4.81 -3.85 -3.97
N TRP A 454 5.23 -4.83 -4.74
CA TRP A 454 4.41 -5.37 -5.81
C TRP A 454 4.39 -6.89 -5.68
N THR A 455 3.38 -7.52 -6.27
CA THR A 455 3.14 -8.92 -6.03
C THR A 455 3.95 -9.90 -6.89
N GLY A 456 5.12 -9.51 -7.38
CA GLY A 456 6.04 -10.39 -8.04
C GLY A 456 5.66 -10.90 -9.42
N ASP A 457 6.22 -12.05 -9.77
CA ASP A 457 6.27 -12.56 -11.12
C ASP A 457 5.03 -13.36 -11.47
N VAL A 458 3.90 -12.69 -11.38
CA VAL A 458 2.59 -13.27 -11.64
C VAL A 458 2.49 -13.79 -13.07
N SER A 459 1.82 -14.90 -13.26
CA SER A 459 1.58 -15.45 -14.60
C SER A 459 0.66 -14.50 -15.42
N ARG A 460 0.81 -14.58 -16.73
CA ARG A 460 -0.11 -13.89 -17.66
C ARG A 460 -1.40 -14.68 -17.86
N THR A 461 -2.09 -14.92 -16.76
CA THR A 461 -3.35 -15.67 -16.80
C THR A 461 -4.45 -14.93 -16.04
N TRP A 462 -5.69 -15.24 -16.40
CA TRP A 462 -6.84 -14.72 -15.66
C TRP A 462 -6.74 -15.06 -14.15
N GLY A 463 -6.27 -16.26 -13.81
CA GLY A 463 -6.06 -16.64 -12.42
C GLY A 463 -5.09 -15.72 -11.68
N GLY A 464 -4.02 -15.35 -12.36
CA GLY A 464 -3.08 -14.35 -11.83
C GLY A 464 -3.76 -13.00 -11.53
N LEU A 465 -4.62 -12.55 -12.44
CA LEU A 465 -5.39 -11.32 -12.21
C LEU A 465 -6.40 -11.50 -11.06
N ALA A 466 -7.09 -12.63 -11.08
CA ALA A 466 -8.15 -12.91 -10.12
C ALA A 466 -7.65 -12.94 -8.65
N SER A 467 -6.34 -13.15 -8.46
CA SER A 467 -5.75 -13.20 -7.13
C SER A 467 -5.31 -11.84 -6.57
N GLN A 468 -5.26 -10.81 -7.42
CA GLN A 468 -4.59 -9.57 -7.03
C GLN A 468 -5.35 -8.80 -5.98
N VAL A 469 -6.68 -8.82 -6.01
CA VAL A 469 -7.45 -8.11 -4.96
C VAL A 469 -7.16 -8.75 -3.60
N GLU A 470 -7.20 -10.09 -3.52
CA GLU A 470 -6.89 -10.77 -2.27
C GLU A 470 -5.47 -10.38 -1.73
N LEU A 471 -4.50 -10.47 -2.60
CA LEU A 471 -3.15 -10.10 -2.19
C LEU A 471 -3.06 -8.65 -1.72
N ALA A 472 -3.70 -7.77 -2.46
CA ALA A 472 -3.60 -6.35 -2.14
C ALA A 472 -4.25 -6.02 -0.81
N LEU A 473 -5.43 -6.58 -0.58
CA LEU A 473 -6.15 -6.36 0.68
C LEU A 473 -5.39 -6.93 1.87
N GLN A 474 -4.78 -8.10 1.70
CA GLN A 474 -4.03 -8.72 2.78
C GLN A 474 -2.83 -7.89 3.20
N MET A 475 -2.15 -7.27 2.23
CA MET A 475 -0.96 -6.45 2.50
C MET A 475 -1.37 -5.06 2.96
N SER A 476 -2.47 -4.54 2.39
CA SER A 476 -3.02 -3.21 2.77
C SER A 476 -3.44 -3.15 4.21
N LEU A 477 -4.04 -4.25 4.69
CA LEU A 477 -4.56 -4.31 6.03
C LEU A 477 -3.48 -4.29 7.11
N LEU A 478 -2.30 -4.78 6.74
CA LEU A 478 -1.16 -4.88 7.64
C LEU A 478 -0.01 -3.94 7.26
N GLY A 479 -0.35 -2.77 6.77
CA GLY A 479 0.61 -1.67 6.64
C GLY A 479 1.02 -1.16 5.26
N PHE A 480 0.63 -1.85 4.18
CA PHE A 480 1.19 -1.53 2.87
C PHE A 480 0.19 -0.98 1.91
N GLY A 481 -0.01 0.33 1.98
CA GLY A 481 -0.99 0.98 1.11
C GLY A 481 -0.70 0.97 -0.37
N TYR A 482 0.58 0.81 -0.76
CA TYR A 482 0.97 0.96 -2.17
C TYR A 482 1.25 -0.38 -2.84
N ILE A 483 0.81 -1.47 -2.21
CA ILE A 483 0.83 -2.82 -2.82
C ILE A 483 0.13 -2.76 -4.17
N HIS A 484 0.72 -3.40 -5.18
CA HIS A 484 0.12 -3.41 -6.49
C HIS A 484 0.66 -4.57 -7.30
N SER A 485 0.21 -4.69 -8.53
CA SER A 485 0.64 -5.80 -9.40
C SER A 485 1.29 -5.29 -10.68
N ASP A 486 2.08 -6.15 -11.32
CA ASP A 486 2.53 -5.95 -12.69
C ASP A 486 1.28 -5.95 -13.58
N LEU A 487 0.85 -4.76 -14.02
CA LEU A 487 -0.38 -4.71 -14.79
C LEU A 487 -0.22 -5.43 -16.13
N GLY A 488 -1.18 -6.30 -16.43
CA GLY A 488 -1.18 -7.11 -17.62
C GLY A 488 -0.55 -8.49 -17.42
N GLY A 489 0.10 -8.67 -16.28
CA GLY A 489 0.86 -9.89 -16.00
C GLY A 489 2.27 -9.90 -16.51
N PHE A 490 3.10 -10.69 -15.83
CA PHE A 490 4.53 -10.74 -16.06
C PHE A 490 5.10 -11.96 -16.78
N ALA A 491 4.76 -13.14 -16.30
CA ALA A 491 5.51 -14.36 -16.60
C ALA A 491 4.94 -15.14 -17.79
N ASP A 492 5.87 -15.58 -18.65
CA ASP A 492 5.63 -16.56 -19.70
C ASP A 492 4.59 -16.00 -20.69
N GLY A 493 3.70 -16.85 -21.18
CA GLY A 493 2.82 -16.44 -22.28
C GLY A 493 3.59 -16.52 -23.58
N GLU A 494 2.89 -16.78 -24.68
CA GLU A 494 3.51 -16.72 -26.00
C GLU A 494 2.90 -15.62 -26.88
N THR A 495 1.65 -15.28 -26.66
CA THR A 495 1.07 -14.15 -27.37
C THR A 495 0.13 -13.44 -26.42
N LEU A 496 -0.07 -12.15 -26.64
CA LEU A 496 -0.89 -11.34 -25.75
C LEU A 496 -2.32 -11.90 -25.61
N ASP A 497 -2.82 -12.01 -24.39
CA ASP A 497 -4.22 -12.34 -24.14
C ASP A 497 -4.87 -10.95 -24.01
N LYS A 498 -5.41 -10.48 -25.13
CA LYS A 498 -5.83 -9.08 -25.23
C LYS A 498 -6.93 -8.70 -24.22
N GLU A 499 -7.98 -9.55 -24.10
CA GLU A 499 -9.05 -9.29 -23.14
C GLU A 499 -8.58 -9.25 -21.68
N MET A 500 -7.73 -10.21 -21.31
CA MET A 500 -7.12 -10.22 -20.00
C MET A 500 -6.31 -8.96 -19.73
N TYR A 501 -5.47 -8.60 -20.70
CA TYR A 501 -4.62 -7.42 -20.61
C TYR A 501 -5.45 -6.14 -20.37
N ILE A 502 -6.50 -5.97 -21.17
CA ILE A 502 -7.41 -4.83 -21.03
C ILE A 502 -8.04 -4.81 -19.64
N ARG A 503 -8.60 -5.96 -19.21
CA ARG A 503 -9.16 -6.01 -17.86
C ARG A 503 -8.20 -5.67 -16.72
N TRP A 504 -6.97 -6.16 -16.84
CA TRP A 504 -5.92 -5.88 -15.86
C TRP A 504 -5.54 -4.39 -15.81
N LEU A 505 -5.38 -3.74 -16.97
CA LEU A 505 -5.06 -2.30 -17.00
C LEU A 505 -6.25 -1.41 -16.61
N GLN A 506 -7.47 -1.91 -16.78
CA GLN A 506 -8.69 -1.25 -16.23
C GLN A 506 -8.68 -1.26 -14.71
N TYR A 507 -8.55 -2.46 -14.14
CA TYR A 507 -8.41 -2.62 -12.74
C TYR A 507 -7.25 -1.73 -12.23
N GLY A 508 -6.16 -1.70 -12.99
CA GLY A 508 -4.99 -0.88 -12.67
C GLY A 508 -5.30 0.54 -12.24
N VAL A 509 -6.28 1.15 -12.87
CA VAL A 509 -6.64 2.57 -12.60
C VAL A 509 -7.06 2.74 -11.17
N PHE A 510 -7.64 1.68 -10.60
CA PHE A 510 -8.27 1.69 -9.27
C PHE A 510 -7.51 0.85 -8.24
N GLN A 511 -6.19 0.83 -8.36
CA GLN A 511 -5.32 0.18 -7.38
C GLN A 511 -4.03 1.02 -7.31
N PRO A 512 -3.16 0.75 -6.32
CA PRO A 512 -2.30 1.87 -5.88
C PRO A 512 -1.24 2.45 -6.83
N VAL A 513 -0.62 1.63 -7.67
CA VAL A 513 0.46 2.11 -8.52
C VAL A 513 0.24 1.61 -9.93
N TYR A 514 0.27 2.54 -10.88
CA TYR A 514 -0.07 2.25 -12.28
C TYR A 514 1.18 1.81 -13.10
N ARG A 515 1.58 0.55 -12.93
CA ARG A 515 2.82 0.05 -13.48
C ARG A 515 2.61 -1.26 -14.24
N PRO A 516 2.22 -1.14 -15.52
CA PRO A 516 2.24 -2.31 -16.40
C PRO A 516 3.69 -2.78 -16.57
N HIS A 517 3.90 -4.08 -16.48
CA HIS A 517 5.27 -4.66 -16.51
C HIS A 517 5.21 -6.14 -16.89
N GLY A 518 6.11 -6.61 -17.73
CA GLY A 518 6.13 -8.01 -18.13
C GLY A 518 7.36 -8.34 -18.91
N GLN A 519 7.62 -9.64 -19.02
CA GLN A 519 8.72 -10.13 -19.86
C GLN A 519 8.52 -9.65 -21.30
N ASP A 520 9.60 -9.12 -21.90
CA ASP A 520 9.50 -8.36 -23.15
C ASP A 520 9.24 -9.07 -24.46
N HIS A 521 9.04 -10.38 -24.42
CA HIS A 521 8.53 -11.08 -25.61
C HIS A 521 7.06 -10.76 -25.90
N ILE A 522 6.33 -10.22 -24.93
CA ILE A 522 4.97 -9.64 -25.13
C ILE A 522 4.99 -8.20 -24.52
N PRO A 523 4.51 -7.18 -25.24
CA PRO A 523 4.63 -5.81 -24.73
C PRO A 523 3.78 -5.60 -23.50
N SER A 524 4.35 -5.01 -22.46
CA SER A 524 3.61 -4.63 -21.25
C SER A 524 3.01 -3.22 -21.28
N GLU A 525 3.65 -2.31 -22.03
CA GLU A 525 3.23 -0.89 -22.04
C GLU A 525 1.98 -0.70 -22.93
N PRO A 526 1.02 0.12 -22.47
CA PRO A 526 -0.22 0.26 -23.22
C PRO A 526 -0.07 0.96 -24.57
N VAL A 527 1.02 1.69 -24.74
CA VAL A 527 1.31 2.39 -25.98
C VAL A 527 1.72 1.45 -27.11
N PHE A 528 2.11 0.22 -26.78
CA PHE A 528 2.47 -0.77 -27.78
C PHE A 528 1.34 -1.77 -28.08
N GLN A 529 0.11 -1.37 -27.92
CA GLN A 529 -1.03 -2.27 -28.12
C GLN A 529 -1.77 -1.84 -29.39
N ASP A 530 -2.76 -2.64 -29.79
CA ASP A 530 -3.47 -2.37 -31.04
C ASP A 530 -4.43 -1.19 -30.87
N GLU A 531 -5.01 -0.74 -31.98
CA GLU A 531 -5.87 0.47 -31.95
C GLU A 531 -7.06 0.36 -30.98
N GLU A 532 -7.73 -0.78 -30.97
CA GLU A 532 -8.86 -0.98 -30.06
C GLU A 532 -8.45 -0.92 -28.57
N THR A 533 -7.35 -1.59 -28.23
CA THR A 533 -6.84 -1.58 -26.86
C THR A 533 -6.50 -0.16 -26.42
N LYS A 534 -5.83 0.58 -27.29
CA LYS A 534 -5.46 1.98 -26.94
C LYS A 534 -6.67 2.87 -26.82
N ALA A 535 -7.65 2.69 -27.71
CA ALA A 535 -8.87 3.50 -27.66
C ALA A 535 -9.62 3.26 -26.35
N ILE A 536 -9.50 2.05 -25.82
CA ILE A 536 -10.08 1.71 -24.52
C ILE A 536 -9.24 2.26 -23.37
N LEU A 537 -7.92 2.02 -23.39
CA LEU A 537 -7.10 2.36 -22.26
C LEU A 537 -6.68 3.84 -22.15
N ARG A 538 -6.54 4.54 -23.26
CA ARG A 538 -6.05 5.92 -23.23
C ARG A 538 -6.94 6.83 -22.35
N PRO A 539 -8.28 6.86 -22.59
CA PRO A 539 -9.12 7.66 -21.67
C PRO A 539 -9.08 7.21 -20.21
N LEU A 540 -8.78 5.93 -19.96
CA LEU A 540 -8.66 5.45 -18.59
C LEU A 540 -7.35 5.86 -17.89
N VAL A 541 -6.26 5.83 -18.63
CA VAL A 541 -4.99 6.28 -18.06
C VAL A 541 -5.13 7.81 -17.86
N LYS A 542 -5.78 8.51 -18.77
CA LYS A 542 -6.05 9.95 -18.49
C LYS A 542 -6.95 10.17 -17.29
N LEU A 543 -7.94 9.31 -17.11
CA LEU A 543 -8.81 9.33 -15.93
C LEU A 543 -8.00 9.22 -14.66
N ARG A 544 -7.05 8.29 -14.64
CA ARG A 544 -6.13 8.17 -13.52
C ARG A 544 -5.51 9.52 -13.16
N TYR A 545 -5.05 10.27 -14.15
CA TYR A 545 -4.46 11.58 -13.91
C TYR A 545 -5.52 12.62 -13.49
N ARG A 546 -6.69 12.57 -14.11
CA ARG A 546 -7.78 13.50 -13.74
C ARG A 546 -8.22 13.31 -12.29
N MET A 547 -8.15 12.06 -11.82
CA MET A 547 -8.48 11.67 -10.48
C MET A 547 -7.35 11.85 -9.46
N LEU A 548 -6.21 12.39 -9.84
CA LEU A 548 -5.14 12.56 -8.86
C LEU A 548 -5.59 13.25 -7.56
N PRO A 549 -6.51 14.24 -7.59
CA PRO A 549 -6.85 14.79 -6.24
C PRO A 549 -7.56 13.78 -5.34
N TYR A 550 -8.34 12.86 -5.93
CA TYR A 550 -8.95 11.79 -5.13
C TYR A 550 -7.91 10.79 -4.58
N ILE A 551 -6.99 10.37 -5.44
CA ILE A 551 -6.03 9.36 -5.09
C ILE A 551 -5.01 9.94 -4.08
N TYR A 552 -4.52 11.14 -4.37
CA TYR A 552 -3.53 11.80 -3.53
C TYR A 552 -4.09 12.13 -2.15
N THR A 553 -5.40 12.43 -2.07
CA THR A 553 -6.05 12.63 -0.78
C THR A 553 -6.13 11.31 0.07
N ALA A 554 -6.43 10.21 -0.59
CA ALA A 554 -6.38 8.88 0.07
C ALA A 554 -4.96 8.57 0.51
N ALA A 555 -3.97 8.96 -0.30
CA ALA A 555 -2.55 8.80 0.09
C ALA A 555 -2.22 9.58 1.35
N TYR A 556 -2.60 10.86 1.35
CA TYR A 556 -2.54 11.68 2.55
C TYR A 556 -3.17 10.99 3.77
N GLN A 557 -4.38 10.42 3.63
CA GLN A 557 -5.02 9.78 4.77
C GLN A 557 -4.25 8.51 5.17
N ASN A 558 -3.65 7.82 4.21
CA ASN A 558 -2.78 6.68 4.54
C ASN A 558 -1.57 7.11 5.35
N THR A 559 -0.93 8.23 4.98
CA THR A 559 0.18 8.74 5.77
C THR A 559 -0.31 9.16 7.17
N LEU A 560 -1.49 9.80 7.27
CA LEU A 560 -2.00 10.22 8.58
C LEU A 560 -2.38 9.10 9.52
N THR A 561 -3.07 8.09 9.00
CA THR A 561 -3.73 7.09 9.86
C THR A 561 -3.49 5.63 9.49
N GLY A 562 -2.72 5.35 8.46
CA GLY A 562 -2.54 3.98 7.96
C GLY A 562 -3.70 3.50 7.12
N MET A 563 -4.74 4.33 6.93
CA MET A 563 -5.94 3.87 6.21
C MET A 563 -5.49 3.44 4.80
N PRO A 564 -5.74 2.18 4.44
CA PRO A 564 -5.28 1.77 3.12
C PRO A 564 -6.09 2.42 2.01
N LEU A 565 -5.48 2.52 0.85
CA LEU A 565 -6.13 3.09 -0.33
C LEU A 565 -7.22 2.14 -0.84
N MET A 566 -6.88 0.85 -0.91
CA MET A 566 -7.87 -0.19 -1.17
C MET A 566 -8.39 -0.68 0.17
N ARG A 567 -9.70 -0.72 0.33
CA ARG A 567 -10.33 -1.20 1.57
C ARG A 567 -11.24 -2.37 1.26
N PRO A 568 -11.24 -3.38 2.14
CA PRO A 568 -12.11 -4.51 1.88
C PRO A 568 -13.61 -4.18 2.02
N LEU A 569 -14.44 -4.96 1.35
CA LEU A 569 -15.89 -4.83 1.51
C LEU A 569 -16.30 -4.94 2.97
N PHE A 570 -15.61 -5.78 3.74
CA PHE A 570 -15.95 -5.94 5.17
C PHE A 570 -15.91 -4.70 6.05
N PHE A 571 -15.20 -3.64 5.63
CA PHE A 571 -15.24 -2.37 6.34
C PHE A 571 -16.66 -1.77 6.36
N SER A 572 -17.50 -2.13 5.38
CA SER A 572 -18.84 -1.55 5.24
C SER A 572 -19.81 -1.99 6.34
N ASP A 573 -19.52 -3.10 7.01
CA ASP A 573 -20.38 -3.59 8.08
C ASP A 573 -19.58 -4.50 8.98
N GLU A 574 -19.12 -3.92 10.09
CA GLU A 574 -18.24 -4.64 11.00
C GLU A 574 -18.95 -5.69 11.86
N LYS A 575 -20.28 -5.70 11.87
CA LYS A 575 -21.01 -6.72 12.59
C LYS A 575 -21.36 -7.91 11.71
N ASN A 576 -20.99 -7.89 10.43
CA ASN A 576 -21.28 -9.00 9.50
C ASN A 576 -19.95 -9.68 9.10
N PRO A 577 -19.50 -10.65 9.89
CA PRO A 577 -18.16 -11.21 9.64
C PRO A 577 -18.10 -12.05 8.36
N ALA A 578 -19.23 -12.52 7.86
CA ALA A 578 -19.25 -13.19 6.56
C ALA A 578 -18.69 -12.34 5.38
N LEU A 579 -18.73 -11.02 5.48
CA LEU A 579 -18.14 -10.16 4.44
C LEU A 579 -16.62 -10.29 4.33
N ILE A 580 -15.95 -10.72 5.41
CA ILE A 580 -14.51 -10.94 5.38
C ILE A 580 -14.06 -11.84 4.22
N ASP A 581 -14.86 -12.81 3.83
CA ASP A 581 -14.50 -13.71 2.71
C ASP A 581 -14.46 -13.04 1.34
N ASN A 582 -15.08 -11.86 1.18
CA ASN A 582 -15.13 -11.25 -0.13
C ASN A 582 -13.75 -10.75 -0.64
N LYS A 583 -13.34 -11.25 -1.82
CA LYS A 583 -12.08 -10.84 -2.47
C LYS A 583 -12.33 -10.44 -3.93
N THR A 584 -13.56 -10.02 -4.21
CA THR A 584 -13.98 -9.68 -5.58
C THR A 584 -14.46 -8.22 -5.76
N SER A 585 -14.89 -7.54 -4.70
CA SER A 585 -15.30 -6.10 -4.75
C SER A 585 -14.58 -5.42 -3.61
N TYR A 586 -14.05 -4.23 -3.83
CA TYR A 586 -13.35 -3.50 -2.78
C TYR A 586 -13.62 -2.01 -2.96
N PHE A 587 -13.36 -1.26 -1.90
CA PHE A 587 -13.41 0.23 -1.96
C PHE A 587 -12.08 0.84 -2.40
N TRP A 588 -12.11 1.70 -3.43
CA TRP A 588 -10.99 2.53 -3.81
C TRP A 588 -11.30 3.89 -3.23
N GLY A 589 -10.58 4.25 -2.17
CA GLY A 589 -10.91 5.37 -1.32
C GLY A 589 -12.27 5.17 -0.63
N ASP A 590 -12.88 6.27 -0.15
CA ASP A 590 -14.15 6.18 0.60
C ASP A 590 -15.36 5.89 -0.29
N SER A 591 -15.29 6.29 -1.57
CA SER A 591 -16.53 6.48 -2.34
C SER A 591 -16.78 5.54 -3.52
N LEU A 592 -15.80 4.74 -3.94
CA LEU A 592 -15.94 3.92 -5.12
C LEU A 592 -15.84 2.45 -4.73
N LEU A 593 -16.88 1.70 -5.05
CA LEU A 593 -16.91 0.26 -4.90
C LEU A 593 -16.61 -0.37 -6.27
N VAL A 594 -15.47 -1.06 -6.34
CA VAL A 594 -14.94 -1.53 -7.61
C VAL A 594 -15.05 -3.05 -7.65
N THR A 595 -15.50 -3.61 -8.78
CA THR A 595 -15.59 -5.06 -8.97
C THR A 595 -14.85 -5.45 -10.25
N PRO A 596 -13.55 -5.73 -10.14
CA PRO A 596 -12.80 -6.12 -11.34
C PRO A 596 -13.38 -7.32 -12.04
N ILE A 597 -13.33 -7.32 -13.37
CA ILE A 597 -13.70 -8.47 -14.14
C ILE A 597 -12.46 -9.33 -14.27
N THR A 598 -12.58 -10.58 -13.84
CA THR A 598 -11.41 -11.47 -13.73
C THR A 598 -11.59 -12.78 -14.47
N GLN A 599 -12.54 -12.82 -15.42
CA GLN A 599 -12.59 -13.93 -16.39
C GLN A 599 -13.09 -13.46 -17.73
N ALA A 600 -12.75 -14.21 -18.76
CA ALA A 600 -13.11 -13.86 -20.11
C ALA A 600 -14.61 -14.01 -20.30
N GLY A 601 -15.16 -13.16 -21.16
CA GLY A 601 -16.54 -13.28 -21.61
C GLY A 601 -17.68 -12.96 -20.66
N VAL A 602 -17.36 -12.45 -19.48
CA VAL A 602 -18.36 -12.21 -18.45
C VAL A 602 -19.32 -11.13 -19.00
N GLU A 603 -20.60 -11.45 -19.04
CA GLU A 603 -21.65 -10.53 -19.54
C GLU A 603 -22.34 -9.64 -18.49
N SER A 604 -22.29 -10.05 -17.24
CA SER A 604 -22.88 -9.27 -16.16
C SER A 604 -22.24 -9.67 -14.84
N VAL A 605 -22.38 -8.83 -13.82
CA VAL A 605 -21.86 -9.11 -12.47
C VAL A 605 -22.91 -8.84 -11.41
N SER A 606 -22.84 -9.61 -10.34
CA SER A 606 -23.66 -9.39 -9.17
C SER A 606 -22.78 -8.69 -8.15
N ILE A 607 -23.11 -7.43 -7.81
CA ILE A 607 -22.26 -6.63 -6.93
C ILE A 607 -22.92 -6.56 -5.56
N PRO A 608 -22.22 -7.01 -4.50
CA PRO A 608 -22.80 -7.04 -3.15
C PRO A 608 -22.71 -5.71 -2.44
N ALA A 609 -23.38 -4.71 -3.01
CA ALA A 609 -23.26 -3.33 -2.56
C ALA A 609 -23.86 -3.24 -1.16
N PRO A 610 -23.17 -2.59 -0.24
CA PRO A 610 -23.82 -2.32 1.02
C PRO A 610 -25.16 -1.58 0.84
N LYS A 611 -26.07 -1.79 1.77
CA LYS A 611 -27.37 -1.14 1.67
C LYS A 611 -27.19 0.39 1.66
N GLY A 612 -27.97 1.02 0.80
CA GLY A 612 -27.85 2.45 0.58
C GLY A 612 -28.12 2.76 -0.87
N VAL A 613 -27.75 3.98 -1.26
CA VAL A 613 -27.92 4.45 -2.62
C VAL A 613 -26.57 4.51 -3.30
N TRP A 614 -26.53 4.07 -4.56
CA TRP A 614 -25.28 3.89 -5.32
C TRP A 614 -25.52 4.35 -6.74
N PHE A 615 -24.52 4.93 -7.37
CA PHE A 615 -24.61 5.33 -8.75
C PHE A 615 -23.61 4.57 -9.62
N ASP A 616 -24.00 4.22 -10.84
CA ASP A 616 -23.05 3.74 -11.87
C ASP A 616 -22.09 4.86 -12.22
N PHE A 617 -20.81 4.68 -11.87
CA PHE A 617 -19.77 5.69 -12.15
C PHE A 617 -19.76 6.13 -13.60
N TRP A 618 -19.97 5.19 -14.52
CA TRP A 618 -19.83 5.45 -15.95
C TRP A 618 -21.09 6.00 -16.57
N LYS A 619 -22.25 5.59 -16.06
CA LYS A 619 -23.57 5.87 -16.71
C LYS A 619 -24.51 6.79 -15.91
N ASP A 620 -24.15 7.07 -14.65
CA ASP A 620 -24.92 7.89 -13.75
C ASP A 620 -26.23 7.28 -13.24
N THR A 621 -26.51 6.02 -13.60
CA THR A 621 -27.72 5.32 -13.14
C THR A 621 -27.74 5.23 -11.64
N ARG A 622 -28.90 5.50 -11.06
CA ARG A 622 -29.08 5.46 -9.61
C ARG A 622 -29.66 4.13 -9.24
N TYR A 623 -29.09 3.48 -8.24
CA TYR A 623 -29.59 2.23 -7.69
C TYR A 623 -29.76 2.45 -6.20
N GLN A 624 -30.80 1.84 -5.64
CA GLN A 624 -31.02 1.83 -4.19
C GLN A 624 -31.14 0.37 -3.80
N THR A 625 -30.60 -0.02 -2.64
CA THR A 625 -30.76 -1.36 -2.16
C THR A 625 -30.84 -1.44 -0.65
N ASP A 626 -31.69 -2.35 -0.16
CA ASP A 626 -31.86 -2.64 1.26
C ASP A 626 -31.00 -3.83 1.67
N GLY A 627 -30.15 -4.35 0.79
CA GLY A 627 -29.29 -5.50 1.12
C GLY A 627 -28.96 -6.40 -0.06
N ALA A 628 -29.94 -6.59 -0.94
CA ALA A 628 -29.79 -7.48 -2.09
C ALA A 628 -28.72 -6.96 -3.05
N PRO A 629 -27.95 -7.87 -3.66
CA PRO A 629 -26.93 -7.42 -4.62
C PRO A 629 -27.52 -6.75 -5.88
N LEU A 630 -26.72 -5.93 -6.54
CA LEU A 630 -27.12 -5.25 -7.75
C LEU A 630 -26.50 -5.97 -8.93
N THR A 631 -27.26 -6.18 -9.99
CA THR A 631 -26.74 -6.82 -11.18
C THR A 631 -26.45 -5.78 -12.24
N LEU A 632 -25.21 -5.69 -12.69
CA LEU A 632 -24.87 -4.76 -13.73
C LEU A 632 -24.35 -5.51 -14.94
N PRO A 633 -24.72 -5.05 -16.15
CA PRO A 633 -24.11 -5.60 -17.35
C PRO A 633 -22.66 -5.10 -17.49
N THR A 634 -21.82 -5.87 -18.18
CA THR A 634 -20.43 -5.51 -18.40
C THR A 634 -20.26 -5.06 -19.83
N ASP A 635 -19.19 -4.33 -20.07
CA ASP A 635 -18.78 -4.01 -21.43
C ASP A 635 -17.24 -4.09 -21.48
N LEU A 636 -16.67 -4.05 -22.67
CA LEU A 636 -15.23 -4.19 -22.80
C LEU A 636 -14.50 -2.90 -22.43
N HIS A 637 -15.19 -1.77 -22.51
N HIS A 637 -15.15 -1.73 -22.54
CA HIS A 637 -14.62 -0.45 -22.35
CA HIS A 637 -14.46 -0.45 -22.31
C HIS A 637 -14.39 -0.06 -20.88
C HIS A 637 -14.37 -0.04 -20.84
N THR A 638 -15.12 -0.68 -19.95
CA THR A 638 -15.06 -0.36 -18.51
C THR A 638 -15.09 -1.61 -17.65
N ILE A 639 -14.84 -1.41 -16.36
CA ILE A 639 -15.18 -2.42 -15.35
C ILE A 639 -16.16 -1.81 -14.40
N PRO A 640 -16.99 -2.62 -13.74
CA PRO A 640 -18.07 -2.08 -12.89
C PRO A 640 -17.61 -1.32 -11.63
N VAL A 641 -18.02 -0.05 -11.54
CA VAL A 641 -17.65 0.83 -10.46
C VAL A 641 -18.91 1.57 -10.02
N LEU A 642 -19.23 1.50 -8.73
CA LEU A 642 -20.36 2.22 -8.17
C LEU A 642 -19.83 3.35 -7.27
N VAL A 643 -20.52 4.47 -7.34
CA VAL A 643 -20.24 5.64 -6.47
C VAL A 643 -21.26 5.70 -5.36
N LYS A 644 -20.77 5.88 -4.15
CA LYS A 644 -21.60 6.01 -2.98
C LYS A 644 -22.32 7.36 -2.96
N ALA A 645 -23.63 7.34 -2.71
CA ALA A 645 -24.35 8.58 -2.50
C ALA A 645 -23.66 9.41 -1.40
N GLY A 646 -23.55 10.70 -1.64
CA GLY A 646 -22.86 11.60 -0.70
C GLY A 646 -21.39 11.81 -1.05
N ALA A 647 -20.90 11.13 -2.10
CA ALA A 647 -19.50 11.32 -2.56
C ALA A 647 -19.27 12.69 -3.19
N PHE A 648 -18.15 13.29 -2.85
CA PHE A 648 -17.58 14.36 -3.65
C PHE A 648 -16.39 13.80 -4.43
N MET A 649 -16.50 13.70 -5.76
CA MET A 649 -15.43 13.17 -6.61
C MET A 649 -14.74 14.34 -7.27
N PRO A 650 -13.47 14.61 -6.90
CA PRO A 650 -12.74 15.78 -7.39
C PRO A 650 -11.84 15.44 -8.58
N TYR A 651 -11.85 16.30 -9.59
CA TYR A 651 -11.00 16.12 -10.75
C TYR A 651 -10.27 17.40 -11.13
N VAL A 652 -9.11 17.21 -11.75
CA VAL A 652 -8.37 18.28 -12.42
C VAL A 652 -8.25 17.88 -13.87
N PRO A 653 -7.89 18.83 -14.73
CA PRO A 653 -7.67 18.44 -16.11
C PRO A 653 -6.48 17.46 -16.24
N ALA A 654 -6.59 16.57 -17.23
CA ALA A 654 -5.51 15.62 -17.53
C ALA A 654 -4.23 16.34 -17.90
N VAL A 655 -3.09 15.85 -17.44
CA VAL A 655 -1.78 16.34 -17.81
C VAL A 655 -0.99 15.13 -18.30
N SER A 656 0.10 15.37 -19.04
CA SER A 656 0.98 14.27 -19.49
C SER A 656 1.88 13.71 -18.38
N THR A 657 2.19 14.55 -17.40
CA THR A 657 3.11 14.23 -16.34
C THR A 657 2.70 15.06 -15.12
N THR A 658 2.85 14.48 -13.94
CA THR A 658 2.56 15.18 -12.68
C THR A 658 3.47 16.39 -12.46
N GLU A 659 4.58 16.50 -13.20
CA GLU A 659 5.41 17.70 -13.13
C GLU A 659 4.65 18.96 -13.58
N ASP A 660 3.64 18.74 -14.41
CA ASP A 660 2.77 19.80 -14.90
C ASP A 660 1.48 19.94 -14.11
N TYR A 661 1.31 19.19 -13.02
CA TYR A 661 0.04 19.15 -12.30
C TYR A 661 -0.37 20.58 -11.85
N ARG A 662 -1.61 20.98 -12.14
CA ARG A 662 -2.20 22.21 -11.56
C ARG A 662 -3.64 21.96 -11.12
N SER A 663 -4.08 22.65 -10.07
CA SER A 663 -5.47 22.64 -9.67
C SER A 663 -6.09 24.02 -9.73
N ASP A 664 -5.61 24.85 -10.65
CA ASP A 664 -6.23 26.13 -10.95
C ASP A 664 -7.69 25.96 -11.42
N SER A 665 -7.94 24.84 -12.11
CA SER A 665 -9.25 24.41 -12.54
C SER A 665 -9.65 23.15 -11.81
N LEU A 666 -10.76 23.19 -11.08
CA LEU A 666 -11.29 22.03 -10.37
C LEU A 666 -12.67 21.69 -10.88
N GLU A 667 -12.97 20.40 -10.91
CA GLU A 667 -14.29 19.93 -11.29
C GLU A 667 -14.66 18.90 -10.26
N ILE A 668 -15.78 19.13 -9.57
CA ILE A 668 -16.17 18.29 -8.46
C ILE A 668 -17.58 17.79 -8.68
N HIS A 669 -17.77 16.47 -8.57
CA HIS A 669 -19.06 15.84 -8.81
C HIS A 669 -19.58 15.37 -7.49
N TYR A 670 -20.74 15.89 -7.08
CA TYR A 670 -21.36 15.52 -5.82
C TYR A 670 -22.56 14.65 -6.12
N TYR A 671 -22.66 13.49 -5.49
CA TYR A 671 -23.76 12.54 -5.76
C TYR A 671 -24.89 12.67 -4.72
N ALA A 672 -25.90 13.50 -5.02
CA ALA A 672 -26.90 13.85 -4.04
C ALA A 672 -27.97 12.78 -3.91
N ASP A 673 -28.39 12.54 -2.67
CA ASP A 673 -29.57 11.75 -2.37
C ASP A 673 -30.07 12.12 -1.00
N ALA A 674 -31.39 12.26 -0.88
CA ALA A 674 -32.00 12.64 0.41
C ALA A 674 -31.67 11.66 1.56
N SER A 675 -31.31 10.44 1.23
CA SER A 675 -30.90 9.45 2.19
C SER A 675 -29.56 9.80 2.87
N VAL A 676 -28.83 10.79 2.33
CA VAL A 676 -27.56 11.22 2.91
C VAL A 676 -27.72 12.69 3.26
N PRO A 677 -28.20 12.97 4.48
CA PRO A 677 -28.47 14.39 4.84
C PRO A 677 -27.22 15.21 5.22
N LEU A 678 -26.09 14.54 5.43
CA LEU A 678 -24.81 15.21 5.78
C LEU A 678 -23.70 14.48 5.05
N ALA A 679 -22.90 15.17 4.27
CA ALA A 679 -21.80 14.54 3.60
C ALA A 679 -20.57 15.45 3.68
N GLN A 680 -19.40 14.82 3.72
CA GLN A 680 -18.14 15.52 3.78
C GLN A 680 -17.16 14.97 2.76
N GLY A 681 -16.37 15.90 2.24
CA GLY A 681 -15.29 15.54 1.39
C GLY A 681 -14.10 16.43 1.70
N GLU A 682 -12.95 15.98 1.26
CA GLU A 682 -11.74 16.72 1.43
C GLU A 682 -10.82 16.52 0.21
N ILE A 683 -10.01 17.54 -0.09
CA ILE A 683 -8.98 17.49 -1.12
C ILE A 683 -7.69 18.04 -0.51
N PHE A 684 -6.67 17.20 -0.43
CA PHE A 684 -5.35 17.56 0.09
C PHE A 684 -4.45 18.02 -1.06
N GLU A 685 -3.94 19.24 -1.02
CA GLU A 685 -3.02 19.72 -2.03
C GLU A 685 -1.76 20.23 -1.38
N ASP A 686 -0.61 19.81 -1.89
CA ASP A 686 0.66 20.40 -1.48
C ASP A 686 1.52 20.49 -2.72
N ASP A 687 2.83 20.71 -2.58
CA ASP A 687 3.66 20.81 -3.78
C ASP A 687 4.00 19.48 -4.50
N GLY A 688 3.48 18.37 -4.00
CA GLY A 688 3.70 17.07 -4.60
C GLY A 688 5.06 16.44 -4.31
N LYS A 689 5.93 17.15 -3.59
CA LYS A 689 7.33 16.73 -3.44
C LYS A 689 7.99 16.90 -2.08
N ASP A 690 7.52 17.81 -1.24
CA ASP A 690 8.20 18.12 0.03
C ASP A 690 7.92 17.03 1.07
N PRO A 691 8.96 16.31 1.51
CA PRO A 691 8.73 15.30 2.53
C PRO A 691 8.23 15.86 3.86
N ASN A 692 8.40 17.17 4.11
CA ASN A 692 7.95 17.77 5.35
C ASN A 692 6.67 18.60 5.22
N SER A 693 5.95 18.47 4.11
CA SER A 693 4.75 19.28 3.94
C SER A 693 3.69 19.06 5.03
N ILE A 694 3.45 17.82 5.43
CA ILE A 694 2.41 17.54 6.45
C ILE A 694 2.81 18.05 7.85
N LYS A 695 4.03 17.73 8.24
CA LYS A 695 4.57 18.11 9.53
C LYS A 695 4.58 19.62 9.72
N ARG A 696 4.94 20.36 8.67
CA ARG A 696 5.05 21.80 8.72
C ARG A 696 3.78 22.54 8.27
N ASN A 697 2.69 21.83 8.01
CA ASN A 697 1.45 22.45 7.50
C ASN A 697 1.59 23.28 6.23
N GLN A 698 2.53 22.89 5.37
CA GLN A 698 2.75 23.52 4.08
C GLN A 698 1.86 22.82 3.06
N PHE A 699 0.56 22.96 3.28
CA PHE A 699 -0.43 22.40 2.41
C PHE A 699 -1.73 23.24 2.40
N ASP A 700 -2.59 22.89 1.48
CA ASP A 700 -3.88 23.55 1.25
C ASP A 700 -4.93 22.42 1.33
N LEU A 701 -5.64 22.35 2.44
CA LEU A 701 -6.61 21.31 2.68
C LEU A 701 -8.01 21.87 2.42
N LEU A 702 -8.61 21.45 1.31
CA LEU A 702 -9.93 21.89 0.90
C LEU A 702 -10.96 20.96 1.51
N THR A 703 -12.00 21.54 2.11
CA THR A 703 -13.07 20.80 2.73
C THR A 703 -14.40 21.22 2.13
N LEU A 704 -15.27 20.22 1.94
CA LEU A 704 -16.59 20.41 1.39
C LEU A 704 -17.57 19.72 2.29
N GLN A 705 -18.63 20.41 2.66
CA GLN A 705 -19.69 19.83 3.45
C GLN A 705 -21.03 20.07 2.76
N ALA A 706 -21.83 19.03 2.62
CA ALA A 706 -23.21 19.15 2.07
C ALA A 706 -24.20 18.85 3.17
N THR A 707 -25.24 19.67 3.24
CA THR A 707 -26.37 19.45 4.12
C THR A 707 -27.58 19.40 3.22
N HIS A 708 -28.29 18.29 3.25
CA HIS A 708 -29.34 17.99 2.29
C HIS A 708 -30.64 17.74 3.09
N THR A 709 -31.59 18.68 3.01
CA THR A 709 -32.87 18.55 3.70
C THR A 709 -33.96 18.51 2.65
N ASP A 710 -35.23 18.43 3.07
CA ASP A 710 -36.35 18.29 2.16
C ASP A 710 -36.40 19.45 1.17
N ASN A 711 -36.09 20.66 1.62
CA ASN A 711 -36.26 21.84 0.77
C ASN A 711 -34.98 22.58 0.43
N GLN A 712 -33.82 22.10 0.87
CA GLN A 712 -32.60 22.83 0.63
C GLN A 712 -31.39 21.90 0.46
N LEU A 713 -30.43 22.34 -0.33
CA LEU A 713 -29.12 21.66 -0.41
C LEU A 713 -28.06 22.73 -0.26
N HIS A 714 -27.28 22.64 0.81
CA HIS A 714 -26.35 23.70 1.23
C HIS A 714 -24.94 23.10 1.20
N PHE A 715 -23.98 23.78 0.56
CA PHE A 715 -22.57 23.38 0.56
C PHE A 715 -21.77 24.43 1.26
N GLN A 716 -20.94 23.99 2.19
CA GLN A 716 -19.99 24.83 2.87
C GLN A 716 -18.60 24.40 2.46
N LEU A 717 -17.87 25.33 1.84
CA LEU A 717 -16.51 25.11 1.37
C LEU A 717 -15.50 25.95 2.15
N ALA A 718 -14.34 25.35 2.44
CA ALA A 718 -13.29 26.03 3.21
C ALA A 718 -11.91 25.50 2.91
N ARG A 719 -10.88 26.27 3.27
CA ARG A 719 -9.50 25.83 3.13
C ARG A 719 -8.70 26.05 4.41
N THR A 720 -7.86 25.10 4.78
CA THR A 720 -6.90 25.26 5.85
C THR A 720 -5.48 24.91 5.41
N GLY A 721 -4.57 25.12 6.34
CA GLY A 721 -3.16 24.91 6.14
C GLY A 721 -2.51 26.20 5.77
N LYS A 722 -1.19 26.23 5.79
CA LYS A 722 -0.45 27.46 5.52
C LYS A 722 -0.17 27.67 4.04
N GLY A 723 -0.64 26.75 3.21
CA GLY A 723 -0.40 26.82 1.79
C GLY A 723 1.02 26.44 1.46
N TYR A 724 1.41 26.67 0.21
CA TYR A 724 2.71 26.25 -0.30
C TYR A 724 3.02 27.10 -1.51
N ARG A 725 4.29 27.09 -1.91
CA ARG A 725 4.75 27.92 -3.05
C ARG A 725 4.08 27.46 -4.34
N GLY A 726 3.48 28.39 -5.04
CA GLY A 726 2.73 28.05 -6.25
C GLY A 726 1.26 27.67 -6.06
N MET A 727 0.77 27.61 -4.83
CA MET A 727 -0.63 27.29 -4.55
C MET A 727 -1.52 28.36 -5.24
N PRO A 728 -2.53 27.91 -6.00
CA PRO A 728 -3.44 28.93 -6.52
C PRO A 728 -4.25 29.64 -5.42
N GLU A 729 -4.33 30.96 -5.47
CA GLU A 729 -5.18 31.67 -4.51
C GLU A 729 -6.64 31.43 -4.81
N ARG A 730 -7.01 31.43 -6.09
CA ARG A 730 -8.39 31.26 -6.49
C ARG A 730 -8.47 30.15 -7.53
N ARG A 731 -9.30 29.15 -7.24
CA ARG A 731 -9.54 28.06 -8.17
C ARG A 731 -10.90 28.23 -8.88
N ALA A 732 -10.90 28.19 -10.20
CA ALA A 732 -12.17 28.10 -10.97
C ALA A 732 -12.74 26.69 -10.74
N THR A 733 -13.96 26.65 -10.23
CA THR A 733 -14.60 25.43 -9.73
C THR A 733 -15.93 25.19 -10.45
N THR A 734 -16.09 24.00 -11.01
CA THR A 734 -17.35 23.53 -11.54
C THR A 734 -17.83 22.44 -10.62
N LEU A 735 -18.98 22.66 -9.96
CA LEU A 735 -19.58 21.67 -9.11
C LEU A 735 -20.76 21.07 -9.85
N VAL A 736 -20.71 19.77 -10.10
CA VAL A 736 -21.81 19.10 -10.79
C VAL A 736 -22.56 18.22 -9.79
N ILE A 737 -23.83 18.55 -9.55
CA ILE A 737 -24.66 17.84 -8.60
C ILE A 737 -25.47 16.81 -9.36
N HIS A 738 -25.13 15.53 -9.15
CA HIS A 738 -25.87 14.43 -9.72
C HIS A 738 -27.12 14.16 -8.90
N ASN A 739 -28.15 13.69 -9.58
CA ASN A 739 -29.45 13.37 -9.01
C ASN A 739 -30.07 14.60 -8.29
N ALA A 740 -29.77 15.78 -8.82
CA ALA A 740 -30.27 17.02 -8.28
C ALA A 740 -31.76 17.15 -8.52
N SER A 741 -32.48 17.60 -7.49
CA SER A 741 -33.92 17.86 -7.58
C SER A 741 -34.18 18.80 -8.72
N ASP A 742 -35.28 18.57 -9.44
CA ASP A 742 -35.74 19.53 -10.45
C ASP A 742 -36.56 20.71 -9.86
N GLN A 743 -36.64 20.80 -8.53
N GLN A 743 -36.65 20.78 -8.53
CA GLN A 743 -37.45 21.80 -7.85
CA GLN A 743 -37.45 21.77 -7.82
C GLN A 743 -36.64 22.94 -7.22
C GLN A 743 -36.65 22.97 -7.28
N TYR A 744 -35.32 22.99 -7.41
CA TYR A 744 -34.52 24.11 -6.90
C TYR A 744 -34.76 25.32 -7.84
N GLN A 745 -35.18 26.42 -7.25
CA GLN A 745 -35.45 27.64 -8.01
C GLN A 745 -34.35 28.69 -7.91
N HIS A 746 -33.65 28.73 -6.78
CA HIS A 746 -32.60 29.70 -6.64
C HIS A 746 -31.42 29.20 -5.84
N LEU A 747 -30.31 29.90 -6.08
CA LEU A 747 -29.02 29.66 -5.51
C LEU A 747 -28.60 30.96 -4.84
N ASP A 748 -28.14 30.87 -3.60
CA ASP A 748 -27.40 31.97 -2.94
C ASP A 748 -25.93 31.55 -2.91
N ILE A 749 -25.02 32.41 -3.35
CA ILE A 749 -23.59 32.22 -3.11
C ILE A 749 -23.17 33.30 -2.13
N ASN A 750 -22.87 32.90 -0.90
CA ASN A 750 -22.57 33.86 0.15
C ASN A 750 -23.63 35.01 0.24
N GLY A 751 -24.91 34.65 0.14
CA GLY A 751 -26.03 35.60 0.29
C GLY A 751 -26.47 36.31 -0.97
N LYS A 752 -25.68 36.26 -2.02
CA LYS A 752 -26.03 36.79 -3.32
C LYS A 752 -26.85 35.74 -4.12
N THR A 753 -28.09 36.10 -4.44
CA THR A 753 -29.03 35.26 -5.16
C THR A 753 -28.73 35.25 -6.65
N ILE A 754 -28.70 34.06 -7.25
CA ILE A 754 -28.37 33.82 -8.65
C ILE A 754 -29.53 32.93 -9.21
N ALA A 755 -30.07 33.26 -10.38
CA ALA A 755 -31.16 32.46 -10.97
C ALA A 755 -30.58 31.15 -11.48
N ILE A 756 -31.31 30.06 -11.35
CA ILE A 756 -30.89 28.77 -11.90
C ILE A 756 -31.49 28.62 -13.29
N ALA A 757 -30.65 28.65 -14.32
CA ALA A 757 -31.14 28.44 -15.72
C ALA A 757 -31.60 26.97 -15.87
N GLN A 758 -32.56 26.73 -16.77
CA GLN A 758 -33.21 25.41 -16.89
C GLN A 758 -33.14 24.96 -18.32
N ALA A 759 -32.18 25.51 -19.07
CA ALA A 759 -31.99 25.14 -20.48
C ALA A 759 -30.59 25.50 -20.90
N ASP A 760 -30.10 24.80 -21.93
CA ASP A 760 -28.89 25.21 -22.64
C ASP A 760 -27.70 25.22 -21.72
N CYS A 761 -27.65 24.33 -20.75
CA CYS A 761 -26.52 24.35 -19.77
C CYS A 761 -25.19 24.04 -20.40
N ALA A 762 -25.16 23.13 -21.38
CA ALA A 762 -23.87 22.81 -22.04
C ALA A 762 -23.42 23.96 -23.00
N SER A 763 -24.36 24.82 -23.41
CA SER A 763 -24.18 25.77 -24.52
C SER A 763 -24.20 27.28 -24.10
N THR A 764 -24.11 27.57 -22.81
CA THR A 764 -23.96 28.93 -22.31
C THR A 764 -22.95 28.95 -21.15
N PRO A 765 -22.28 30.11 -20.89
CA PRO A 765 -21.36 30.27 -19.74
C PRO A 765 -22.13 30.51 -18.46
N ALA A 766 -23.08 29.60 -18.20
CA ALA A 766 -24.04 29.68 -17.11
C ALA A 766 -23.35 29.54 -15.78
N LEU A 767 -23.78 30.33 -14.81
CA LEU A 767 -23.21 30.18 -13.46
C LEU A 767 -23.95 29.09 -12.72
N ALA A 768 -25.25 28.93 -13.03
CA ALA A 768 -26.01 27.84 -12.43
C ALA A 768 -27.01 27.36 -13.43
N CYS A 769 -26.98 26.06 -13.72
CA CYS A 769 -27.90 25.57 -14.73
C CYS A 769 -28.29 24.13 -14.45
N TYR A 770 -29.59 23.84 -14.60
CA TYR A 770 -30.09 22.50 -14.38
C TYR A 770 -30.35 21.86 -15.72
N ASP A 771 -29.79 20.67 -15.89
CA ASP A 771 -29.96 19.85 -17.07
C ASP A 771 -31.04 18.79 -16.77
N GLN A 772 -32.23 18.99 -17.29
CA GLN A 772 -33.37 18.15 -16.94
C GLN A 772 -33.24 16.73 -17.48
N GLU A 773 -32.61 16.57 -18.63
CA GLU A 773 -32.45 15.25 -19.24
C GLU A 773 -31.42 14.39 -18.44
N ARG A 774 -30.41 15.01 -17.85
CA ARG A 774 -29.39 14.26 -17.07
C ARG A 774 -29.62 14.33 -15.55
N ARG A 775 -30.59 15.12 -15.08
CA ARG A 775 -30.76 15.38 -13.63
C ARG A 775 -29.47 15.87 -12.97
N GLN A 776 -28.77 16.78 -13.65
CA GLN A 776 -27.54 17.37 -13.13
C GLN A 776 -27.69 18.86 -13.03
N LEU A 777 -27.27 19.40 -11.91
CA LEU A 777 -27.26 20.83 -11.66
C LEU A 777 -25.82 21.27 -11.56
N GLN A 778 -25.39 22.16 -12.46
CA GLN A 778 -24.00 22.62 -12.55
C GLN A 778 -23.88 24.03 -11.99
N LEU A 779 -22.97 24.20 -11.04
CA LEU A 779 -22.62 25.51 -10.48
C LEU A 779 -21.18 25.84 -10.86
N VAL A 780 -20.93 27.06 -11.33
CA VAL A 780 -19.58 27.46 -11.69
C VAL A 780 -19.26 28.73 -10.91
N PHE A 781 -18.12 28.73 -10.22
CA PHE A 781 -17.78 29.82 -9.29
C PHE A 781 -16.27 29.87 -9.04
N THR A 782 -15.85 30.84 -8.23
CA THR A 782 -14.46 31.04 -7.91
C THR A 782 -14.29 30.62 -6.46
N TRP A 783 -13.39 29.68 -6.18
CA TRP A 783 -13.13 29.25 -4.82
C TRP A 783 -11.80 29.87 -4.38
N GLY A 784 -11.88 30.95 -3.61
CA GLY A 784 -10.68 31.64 -3.11
C GLY A 784 -10.38 31.17 -1.72
N ARG A 785 -9.69 32.01 -0.97
CA ARG A 785 -9.23 31.55 0.34
C ARG A 785 -10.26 31.62 1.47
N GLU A 786 -11.24 32.51 1.35
CA GLU A 786 -12.28 32.60 2.38
C GLU A 786 -13.37 31.55 2.18
N ALA A 787 -14.04 31.26 3.26
CA ALA A 787 -15.13 30.30 3.22
C ALA A 787 -16.23 30.76 2.25
N LEU A 788 -16.89 29.77 1.67
CA LEU A 788 -17.87 29.97 0.63
C LEU A 788 -19.07 29.09 1.01
N ASN A 789 -20.27 29.67 0.95
CA ASN A 789 -21.48 28.90 1.17
C ASN A 789 -22.35 29.01 -0.09
N LEU A 790 -22.78 27.86 -0.57
CA LEU A 790 -23.70 27.78 -1.72
C LEU A 790 -25.00 27.15 -1.22
N ARG A 791 -26.11 27.85 -1.38
CA ARG A 791 -27.40 27.38 -0.89
C ARG A 791 -28.41 27.29 -2.00
N LEU A 792 -28.93 26.09 -2.22
CA LEU A 792 -29.97 25.82 -3.20
C LEU A 792 -31.28 25.64 -2.43
N HIS A 793 -32.34 26.31 -2.90
N HIS A 793 -32.35 26.30 -2.82
CA HIS A 793 -33.63 26.37 -2.24
CA HIS A 793 -33.62 26.18 -2.10
C HIS A 793 -34.74 25.99 -3.18
C HIS A 793 -34.76 26.05 -3.08
N LYS A 794 -35.73 25.23 -2.71
CA LYS A 794 -36.93 25.01 -3.47
C LYS A 794 -37.85 26.23 -3.33
#